data_1JI9
# 
_entry.id   1JI9 
# 
_audit_conform.dict_name       mmcif_pdbx.dic 
_audit_conform.dict_version    5.392 
_audit_conform.dict_location   http://mmcif.pdb.org/dictionaries/ascii/mmcif_pdbx.dic 
# 
loop_
_database_2.database_id 
_database_2.database_code 
_database_2.pdbx_database_accession 
_database_2.pdbx_DOI 
PDB   1JI9         pdb_00001ji9 10.2210/pdb1ji9/pdb 
RCSB  RCSB013803   ?            ?                   
WWPDB D_1000013803 ?            ?                   
# 
loop_
_pdbx_audit_revision_history.ordinal 
_pdbx_audit_revision_history.data_content_type 
_pdbx_audit_revision_history.major_revision 
_pdbx_audit_revision_history.minor_revision 
_pdbx_audit_revision_history.revision_date 
1 'Structure model' 1 0 2001-10-03 
2 'Structure model' 1 1 2008-04-27 
3 'Structure model' 1 2 2011-07-13 
4 'Structure model' 1 3 2022-02-23 
5 'Structure model' 1 4 2024-05-22 
# 
_pdbx_audit_revision_details.ordinal             1 
_pdbx_audit_revision_details.revision_ordinal    1 
_pdbx_audit_revision_details.data_content_type   'Structure model' 
_pdbx_audit_revision_details.provider            repository 
_pdbx_audit_revision_details.type                'Initial release' 
_pdbx_audit_revision_details.description         ? 
_pdbx_audit_revision_details.details             ? 
# 
loop_
_pdbx_audit_revision_group.ordinal 
_pdbx_audit_revision_group.revision_ordinal 
_pdbx_audit_revision_group.data_content_type 
_pdbx_audit_revision_group.group 
1 2 'Structure model' 'Version format compliance' 
2 3 'Structure model' 'Version format compliance' 
3 4 'Structure model' 'Database references'       
4 4 'Structure model' 'Derived calculations'      
5 5 'Structure model' 'Data collection'           
# 
loop_
_pdbx_audit_revision_category.ordinal 
_pdbx_audit_revision_category.revision_ordinal 
_pdbx_audit_revision_category.data_content_type 
_pdbx_audit_revision_category.category 
1 4 'Structure model' database_2             
2 4 'Structure model' pdbx_struct_assembly   
3 4 'Structure model' pdbx_struct_conn_angle 
4 4 'Structure model' pdbx_struct_oper_list  
5 4 'Structure model' struct_conn            
6 4 'Structure model' struct_site            
7 5 'Structure model' chem_comp_atom         
8 5 'Structure model' chem_comp_bond         
# 
loop_
_pdbx_audit_revision_item.ordinal 
_pdbx_audit_revision_item.revision_ordinal 
_pdbx_audit_revision_item.data_content_type 
_pdbx_audit_revision_item.item 
1  4 'Structure model' '_database_2.pdbx_DOI'                        
2  4 'Structure model' '_database_2.pdbx_database_accession'         
3  4 'Structure model' '_pdbx_struct_conn_angle.ptnr1_auth_seq_id'   
4  4 'Structure model' '_pdbx_struct_conn_angle.ptnr1_label_atom_id' 
5  4 'Structure model' '_pdbx_struct_conn_angle.ptnr1_label_seq_id'  
6  4 'Structure model' '_pdbx_struct_conn_angle.ptnr2_auth_seq_id'   
7  4 'Structure model' '_pdbx_struct_conn_angle.ptnr2_label_asym_id' 
8  4 'Structure model' '_pdbx_struct_conn_angle.ptnr3_auth_seq_id'   
9  4 'Structure model' '_pdbx_struct_conn_angle.ptnr3_label_atom_id' 
10 4 'Structure model' '_pdbx_struct_conn_angle.ptnr3_label_seq_id'  
11 4 'Structure model' '_pdbx_struct_conn_angle.value'               
12 4 'Structure model' '_struct_conn.pdbx_dist_value'                
13 4 'Structure model' '_struct_conn.ptnr1_auth_comp_id'             
14 4 'Structure model' '_struct_conn.ptnr1_auth_seq_id'              
15 4 'Structure model' '_struct_conn.ptnr1_label_asym_id'            
16 4 'Structure model' '_struct_conn.ptnr1_label_atom_id'            
17 4 'Structure model' '_struct_conn.ptnr1_label_comp_id'            
18 4 'Structure model' '_struct_conn.ptnr1_label_seq_id'             
19 4 'Structure model' '_struct_conn.ptnr2_auth_comp_id'             
20 4 'Structure model' '_struct_conn.ptnr2_auth_seq_id'              
21 4 'Structure model' '_struct_conn.ptnr2_label_asym_id'            
22 4 'Structure model' '_struct_conn.ptnr2_label_atom_id'            
23 4 'Structure model' '_struct_conn.ptnr2_label_comp_id'            
24 4 'Structure model' '_struct_conn.ptnr2_label_seq_id'             
25 4 'Structure model' '_struct_site.pdbx_auth_asym_id'              
26 4 'Structure model' '_struct_site.pdbx_auth_comp_id'              
27 4 'Structure model' '_struct_site.pdbx_auth_seq_id'               
# 
_pdbx_database_status.status_code                     REL 
_pdbx_database_status.entry_id                        1JI9 
_pdbx_database_status.recvd_initial_deposition_date   2001-07-01 
_pdbx_database_status.deposit_site                    RCSB 
_pdbx_database_status.process_site                    RCSB 
_pdbx_database_status.status_code_mr                  REL 
_pdbx_database_status.SG_entry                        . 
_pdbx_database_status.pdb_format_compatible           Y 
_pdbx_database_status.status_code_sf                  ? 
_pdbx_database_status.status_code_cs                  ? 
_pdbx_database_status.status_code_nmr_data            ? 
_pdbx_database_status.methods_development_category    ? 
# 
loop_
_audit_author.name 
_audit_author.pdbx_ordinal 
'Oz, G.'         1 
'Zangger, K.'    2 
'Armitage, I.M.' 3 
# 
_citation.id                        primary 
_citation.title                     
'Three-dimensional structure and dynamics of a brain specific growth inhibitory factor: metallothionein-3.' 
_citation.journal_abbrev            Biochemistry 
_citation.journal_volume            40 
_citation.page_first                11433 
_citation.page_last                 11441 
_citation.year                      2001 
_citation.journal_id_ASTM           BICHAW 
_citation.country                   US 
_citation.journal_id_ISSN           0006-2960 
_citation.journal_id_CSD            0033 
_citation.book_publisher            ? 
_citation.pdbx_database_id_PubMed   11560491 
_citation.pdbx_database_id_DOI      10.1021/bi010827l 
# 
loop_
_citation_author.citation_id 
_citation_author.name 
_citation_author.ordinal 
_citation_author.identifier_ORCID 
primary 'Oz, G.'         1 ? 
primary 'Zangger, K.'    2 ? 
primary 'Armitage, I.M.' 3 ? 
# 
loop_
_entity.id 
_entity.type 
_entity.src_method 
_entity.pdbx_description 
_entity.formula_weight 
_entity.pdbx_number_of_molecules 
_entity.pdbx_ec 
_entity.pdbx_mutation 
_entity.pdbx_fragment 
_entity.details 
1 polymer     man METALLOTHIONEIN-III 3800.474 1 ? ? 'C-TERMINAL (ALPHA) DOMAIN' ? 
2 non-polymer syn 'CADMIUM ION'       112.411  4 ? ? ?                           ? 
# 
_entity_poly.entity_id                      1 
_entity_poly.type                           'polypeptide(L)' 
_entity_poly.nstd_linkage                   no 
_entity_poly.nstd_monomer                   no 
_entity_poly.pdbx_seq_one_letter_code       KSCCSCCPAGCEKCAKDCVCKGEEGAKAEAEKCSCCQ 
_entity_poly.pdbx_seq_one_letter_code_can   KSCCSCCPAGCEKCAKDCVCKGEEGAKAEAEKCSCCQ 
_entity_poly.pdbx_strand_id                 A 
_entity_poly.pdbx_target_identifier         ? 
# 
_pdbx_entity_nonpoly.entity_id   2 
_pdbx_entity_nonpoly.name        'CADMIUM ION' 
_pdbx_entity_nonpoly.comp_id     CD 
# 
loop_
_entity_poly_seq.entity_id 
_entity_poly_seq.num 
_entity_poly_seq.mon_id 
_entity_poly_seq.hetero 
1 1  LYS n 
1 2  SER n 
1 3  CYS n 
1 4  CYS n 
1 5  SER n 
1 6  CYS n 
1 7  CYS n 
1 8  PRO n 
1 9  ALA n 
1 10 GLY n 
1 11 CYS n 
1 12 GLU n 
1 13 LYS n 
1 14 CYS n 
1 15 ALA n 
1 16 LYS n 
1 17 ASP n 
1 18 CYS n 
1 19 VAL n 
1 20 CYS n 
1 21 LYS n 
1 22 GLY n 
1 23 GLU n 
1 24 GLU n 
1 25 GLY n 
1 26 ALA n 
1 27 LYS n 
1 28 ALA n 
1 29 GLU n 
1 30 ALA n 
1 31 GLU n 
1 32 LYS n 
1 33 CYS n 
1 34 SER n 
1 35 CYS n 
1 36 CYS n 
1 37 GLN n 
# 
_entity_src_gen.entity_id                          1 
_entity_src_gen.pdbx_src_id                        1 
_entity_src_gen.pdbx_alt_source_flag               sample 
_entity_src_gen.pdbx_seq_type                      ? 
_entity_src_gen.pdbx_beg_seq_num                   ? 
_entity_src_gen.pdbx_end_seq_num                   ? 
_entity_src_gen.gene_src_common_name               'house mouse' 
_entity_src_gen.gene_src_genus                     Mus 
_entity_src_gen.pdbx_gene_src_gene                 ? 
_entity_src_gen.gene_src_species                   ? 
_entity_src_gen.gene_src_strain                    ? 
_entity_src_gen.gene_src_tissue                    ? 
_entity_src_gen.gene_src_tissue_fraction           ? 
_entity_src_gen.gene_src_details                   ? 
_entity_src_gen.pdbx_gene_src_fragment             ? 
_entity_src_gen.pdbx_gene_src_scientific_name      'Mus musculus' 
_entity_src_gen.pdbx_gene_src_ncbi_taxonomy_id     10090 
_entity_src_gen.pdbx_gene_src_variant              ? 
_entity_src_gen.pdbx_gene_src_cell_line            ? 
_entity_src_gen.pdbx_gene_src_atcc                 ? 
_entity_src_gen.pdbx_gene_src_organ                ? 
_entity_src_gen.pdbx_gene_src_organelle            ? 
_entity_src_gen.pdbx_gene_src_cell                 ? 
_entity_src_gen.pdbx_gene_src_cellular_location    ? 
_entity_src_gen.host_org_common_name               ? 
_entity_src_gen.pdbx_host_org_scientific_name      'Escherichia coli' 
_entity_src_gen.pdbx_host_org_ncbi_taxonomy_id     562 
_entity_src_gen.host_org_genus                     Escherichia 
_entity_src_gen.pdbx_host_org_gene                 ? 
_entity_src_gen.pdbx_host_org_organ                ? 
_entity_src_gen.host_org_species                   ? 
_entity_src_gen.pdbx_host_org_tissue               ? 
_entity_src_gen.pdbx_host_org_tissue_fraction      ? 
_entity_src_gen.pdbx_host_org_strain               ? 
_entity_src_gen.pdbx_host_org_variant              ? 
_entity_src_gen.pdbx_host_org_cell_line            ? 
_entity_src_gen.pdbx_host_org_atcc                 ? 
_entity_src_gen.pdbx_host_org_culture_collection   ? 
_entity_src_gen.pdbx_host_org_cell                 ? 
_entity_src_gen.pdbx_host_org_organelle            ? 
_entity_src_gen.pdbx_host_org_cellular_location    ? 
_entity_src_gen.pdbx_host_org_vector_type          plasmid 
_entity_src_gen.pdbx_host_org_vector               ? 
_entity_src_gen.host_org_details                   ? 
_entity_src_gen.expression_system_id               ? 
_entity_src_gen.plasmid_name                       pET3d 
_entity_src_gen.plasmid_details                    ? 
_entity_src_gen.pdbx_description                   ? 
# 
loop_
_chem_comp.id 
_chem_comp.type 
_chem_comp.mon_nstd_flag 
_chem_comp.name 
_chem_comp.pdbx_synonyms 
_chem_comp.formula 
_chem_comp.formula_weight 
ALA 'L-peptide linking' y ALANINE         ? 'C3 H7 N O2'     89.093  
ASP 'L-peptide linking' y 'ASPARTIC ACID' ? 'C4 H7 N O4'     133.103 
CD  non-polymer         . 'CADMIUM ION'   ? 'Cd 2'           112.411 
CYS 'L-peptide linking' y CYSTEINE        ? 'C3 H7 N O2 S'   121.158 
GLN 'L-peptide linking' y GLUTAMINE       ? 'C5 H10 N2 O3'   146.144 
GLU 'L-peptide linking' y 'GLUTAMIC ACID' ? 'C5 H9 N O4'     147.129 
GLY 'peptide linking'   y GLYCINE         ? 'C2 H5 N O2'     75.067  
LYS 'L-peptide linking' y LYSINE          ? 'C6 H15 N2 O2 1' 147.195 
PRO 'L-peptide linking' y PROLINE         ? 'C5 H9 N O2'     115.130 
SER 'L-peptide linking' y SERINE          ? 'C3 H7 N O3'     105.093 
VAL 'L-peptide linking' y VALINE          ? 'C5 H11 N O2'    117.146 
# 
loop_
_pdbx_poly_seq_scheme.asym_id 
_pdbx_poly_seq_scheme.entity_id 
_pdbx_poly_seq_scheme.seq_id 
_pdbx_poly_seq_scheme.mon_id 
_pdbx_poly_seq_scheme.ndb_seq_num 
_pdbx_poly_seq_scheme.pdb_seq_num 
_pdbx_poly_seq_scheme.auth_seq_num 
_pdbx_poly_seq_scheme.pdb_mon_id 
_pdbx_poly_seq_scheme.auth_mon_id 
_pdbx_poly_seq_scheme.pdb_strand_id 
_pdbx_poly_seq_scheme.pdb_ins_code 
_pdbx_poly_seq_scheme.hetero 
A 1 1  LYS 1  32 32 LYS LYS A . n 
A 1 2  SER 2  33 33 SER SER A . n 
A 1 3  CYS 3  34 34 CYS CYS A . n 
A 1 4  CYS 4  35 35 CYS CYS A . n 
A 1 5  SER 5  36 36 SER SER A . n 
A 1 6  CYS 6  37 37 CYS CYS A . n 
A 1 7  CYS 7  38 38 CYS CYS A . n 
A 1 8  PRO 8  39 39 PRO PRO A . n 
A 1 9  ALA 9  40 40 ALA ALA A . n 
A 1 10 GLY 10 41 41 GLY GLY A . n 
A 1 11 CYS 11 42 42 CYS CYS A . n 
A 1 12 GLU 12 43 43 GLU GLU A . n 
A 1 13 LYS 13 44 44 LYS LYS A . n 
A 1 14 CYS 14 45 45 CYS CYS A . n 
A 1 15 ALA 15 46 46 ALA ALA A . n 
A 1 16 LYS 16 47 47 LYS LYS A . n 
A 1 17 ASP 17 48 48 ASP ASP A . n 
A 1 18 CYS 18 49 49 CYS CYS A . n 
A 1 19 VAL 19 50 50 VAL VAL A . n 
A 1 20 CYS 20 51 51 CYS CYS A . n 
A 1 21 LYS 21 52 52 LYS LYS A . n 
A 1 22 GLY 22 53 53 GLY GLY A . n 
A 1 23 GLU 23 54 54 GLU GLU A . n 
A 1 24 GLU 24 55 55 GLU GLU A . n 
A 1 25 GLY 25 56 56 GLY GLY A . n 
A 1 26 ALA 26 57 57 ALA ALA A . n 
A 1 27 LYS 27 58 58 LYS LYS A . n 
A 1 28 ALA 28 59 59 ALA ALA A . n 
A 1 29 GLU 29 60 60 GLU GLU A . n 
A 1 30 ALA 30 61 61 ALA ALA A . n 
A 1 31 GLU 31 62 62 GLU GLU A . n 
A 1 32 LYS 32 63 63 LYS LYS A . n 
A 1 33 CYS 33 64 64 CYS CYS A . n 
A 1 34 SER 34 65 65 SER SER A . n 
A 1 35 CYS 35 66 66 CYS CYS A . n 
A 1 36 CYS 36 67 67 CYS CYS A . n 
A 1 37 GLN 37 68 68 GLN GLN A . n 
# 
loop_
_pdbx_nonpoly_scheme.asym_id 
_pdbx_nonpoly_scheme.entity_id 
_pdbx_nonpoly_scheme.mon_id 
_pdbx_nonpoly_scheme.ndb_seq_num 
_pdbx_nonpoly_scheme.pdb_seq_num 
_pdbx_nonpoly_scheme.auth_seq_num 
_pdbx_nonpoly_scheme.pdb_mon_id 
_pdbx_nonpoly_scheme.auth_mon_id 
_pdbx_nonpoly_scheme.pdb_strand_id 
_pdbx_nonpoly_scheme.pdb_ins_code 
B 2 CD 1 69 69 CD CD A . 
C 2 CD 1 70 70 CD CD A . 
D 2 CD 1 71 71 CD CD A . 
E 2 CD 1 72 72 CD CD A . 
# 
_cell.entry_id           1JI9 
_cell.length_a           1.000 
_cell.length_b           1.000 
_cell.length_c           1.000 
_cell.angle_alpha        90.00 
_cell.angle_beta         90.00 
_cell.angle_gamma        90.00 
_cell.Z_PDB              1 
_cell.pdbx_unique_axis   ? 
# 
_symmetry.entry_id                         1JI9 
_symmetry.space_group_name_H-M             'P 1' 
_symmetry.pdbx_full_space_group_name_H-M   ? 
_symmetry.cell_setting                     ? 
_symmetry.Int_Tables_number                1 
# 
_exptl.entry_id          1JI9 
_exptl.method            'SOLUTION NMR' 
_exptl.crystals_number   ? 
# 
_struct.entry_id                  1JI9 
_struct.title                     'Solution structure of the alpha-domain of mouse metallothionein-3' 
_struct.pdbx_model_details        ? 
_struct.pdbx_CASP_flag            ? 
_struct.pdbx_model_type_details   'minimized average' 
# 
_struct_keywords.entry_id        1JI9 
_struct_keywords.pdbx_keywords   'METAL BINDING PROTEIN' 
_struct_keywords.text            '3-10 helix, Cd-S cluster, half turn, type II turn, METAL BINDING PROTEIN' 
# 
loop_
_struct_asym.id 
_struct_asym.pdbx_blank_PDB_chainid_flag 
_struct_asym.pdbx_modified 
_struct_asym.entity_id 
_struct_asym.details 
A N N 1 ? 
B N N 2 ? 
C N N 2 ? 
D N N 2 ? 
E N N 2 ? 
# 
_struct_ref.id                         1 
_struct_ref.db_name                    UNP 
_struct_ref.db_code                    MT3_MOUSE 
_struct_ref.entity_id                  1 
_struct_ref.pdbx_db_accession          P28184 
_struct_ref.pdbx_align_begin           ? 
_struct_ref.pdbx_seq_one_letter_code   KSCCSCCPAGCEKCAKDCVCKGEEGAKAEAEKCSCCQ 
_struct_ref.pdbx_db_isoform            ? 
# 
_struct_ref_seq.align_id                      1 
_struct_ref_seq.ref_id                        1 
_struct_ref_seq.pdbx_PDB_id_code              1JI9 
_struct_ref_seq.pdbx_strand_id                A 
_struct_ref_seq.seq_align_beg                 1 
_struct_ref_seq.pdbx_seq_align_beg_ins_code   ? 
_struct_ref_seq.seq_align_end                 37 
_struct_ref_seq.pdbx_seq_align_end_ins_code   ? 
_struct_ref_seq.pdbx_db_accession             P28184 
_struct_ref_seq.db_align_beg                  1 
_struct_ref_seq.pdbx_db_align_beg_ins_code    ? 
_struct_ref_seq.db_align_end                  37 
_struct_ref_seq.pdbx_db_align_end_ins_code    ? 
_struct_ref_seq.pdbx_auth_seq_align_beg       32 
_struct_ref_seq.pdbx_auth_seq_align_end       68 
# 
_pdbx_struct_assembly.id                   1 
_pdbx_struct_assembly.details              author_defined_assembly 
_pdbx_struct_assembly.method_details       ? 
_pdbx_struct_assembly.oligomeric_details   monomeric 
_pdbx_struct_assembly.oligomeric_count     1 
# 
_pdbx_struct_assembly_gen.assembly_id       1 
_pdbx_struct_assembly_gen.oper_expression   1 
_pdbx_struct_assembly_gen.asym_id_list      A,B,C,D,E 
# 
_pdbx_struct_oper_list.id                   1 
_pdbx_struct_oper_list.type                 'identity operation' 
_pdbx_struct_oper_list.name                 1_555 
_pdbx_struct_oper_list.symmetry_operation   x,y,z 
_pdbx_struct_oper_list.matrix[1][1]         1.0000000000 
_pdbx_struct_oper_list.matrix[1][2]         0.0000000000 
_pdbx_struct_oper_list.matrix[1][3]         0.0000000000 
_pdbx_struct_oper_list.vector[1]            0.0000000000 
_pdbx_struct_oper_list.matrix[2][1]         0.0000000000 
_pdbx_struct_oper_list.matrix[2][2]         1.0000000000 
_pdbx_struct_oper_list.matrix[2][3]         0.0000000000 
_pdbx_struct_oper_list.vector[2]            0.0000000000 
_pdbx_struct_oper_list.matrix[3][1]         0.0000000000 
_pdbx_struct_oper_list.matrix[3][2]         0.0000000000 
_pdbx_struct_oper_list.matrix[3][3]         1.0000000000 
_pdbx_struct_oper_list.vector[3]            0.0000000000 
# 
_struct_biol.id   1 
# 
loop_
_struct_conn.id 
_struct_conn.conn_type_id 
_struct_conn.pdbx_leaving_atom_flag 
_struct_conn.pdbx_PDB_id 
_struct_conn.ptnr1_label_asym_id 
_struct_conn.ptnr1_label_comp_id 
_struct_conn.ptnr1_label_seq_id 
_struct_conn.ptnr1_label_atom_id 
_struct_conn.pdbx_ptnr1_label_alt_id 
_struct_conn.pdbx_ptnr1_PDB_ins_code 
_struct_conn.pdbx_ptnr1_standard_comp_id 
_struct_conn.ptnr1_symmetry 
_struct_conn.ptnr2_label_asym_id 
_struct_conn.ptnr2_label_comp_id 
_struct_conn.ptnr2_label_seq_id 
_struct_conn.ptnr2_label_atom_id 
_struct_conn.pdbx_ptnr2_label_alt_id 
_struct_conn.pdbx_ptnr2_PDB_ins_code 
_struct_conn.ptnr1_auth_asym_id 
_struct_conn.ptnr1_auth_comp_id 
_struct_conn.ptnr1_auth_seq_id 
_struct_conn.ptnr2_auth_asym_id 
_struct_conn.ptnr2_auth_comp_id 
_struct_conn.ptnr2_auth_seq_id 
_struct_conn.ptnr2_symmetry 
_struct_conn.pdbx_ptnr3_label_atom_id 
_struct_conn.pdbx_ptnr3_label_seq_id 
_struct_conn.pdbx_ptnr3_label_comp_id 
_struct_conn.pdbx_ptnr3_label_asym_id 
_struct_conn.pdbx_ptnr3_label_alt_id 
_struct_conn.pdbx_ptnr3_PDB_ins_code 
_struct_conn.details 
_struct_conn.pdbx_dist_value 
_struct_conn.pdbx_value_order 
_struct_conn.pdbx_role 
metalc1  metalc ? ? A CYS 3  O  ? ? ? 1_555 C CD . CD ? ? A CYS 34 A CD 70 1_555 ? ? ? ? ? ? ? 2.901 ? ? 
metalc2  metalc ? ? A CYS 3  SG ? ? ? 1_555 C CD . CD ? ? A CYS 34 A CD 70 1_555 ? ? ? ? ? ? ? 2.523 ? ? 
metalc3  metalc ? ? A CYS 4  SG ? ? ? 1_555 C CD . CD ? ? A CYS 35 A CD 70 1_555 ? ? ? ? ? ? ? 2.511 ? ? 
metalc4  metalc ? ? A CYS 4  SG ? ? ? 1_555 E CD . CD ? ? A CYS 35 A CD 72 1_555 ? ? ? ? ? ? ? 2.494 ? ? 
metalc5  metalc ? ? A CYS 6  SG ? ? ? 1_555 E CD . CD ? ? A CYS 37 A CD 72 1_555 ? ? ? ? ? ? ? 2.513 ? ? 
metalc6  metalc ? ? A CYS 7  SG ? ? ? 1_555 D CD . CD ? ? A CYS 38 A CD 71 1_555 ? ? ? ? ? ? ? 2.494 ? ? 
metalc7  metalc ? ? A CYS 7  SG ? ? ? 1_555 E CD . CD ? ? A CYS 38 A CD 72 1_555 ? ? ? ? ? ? ? 2.497 ? ? 
metalc8  metalc ? ? A CYS 11 SG ? ? ? 1_555 D CD . CD ? ? A CYS 42 A CD 71 1_555 ? ? ? ? ? ? ? 2.503 ? ? 
metalc9  metalc ? ? A CYS 14 SG ? ? ? 1_555 C CD . CD ? ? A CYS 45 A CD 70 1_555 ? ? ? ? ? ? ? 2.521 ? ? 
metalc10 metalc ? ? A CYS 14 SG ? ? ? 1_555 D CD . CD ? ? A CYS 45 A CD 71 1_555 ? ? ? ? ? ? ? 2.529 ? ? 
metalc11 metalc ? ? A CYS 18 SG ? ? ? 1_555 C CD . CD ? ? A CYS 49 A CD 70 1_555 ? ? ? ? ? ? ? 2.512 ? ? 
metalc12 metalc ? ? A CYS 20 SG ? ? ? 1_555 B CD . CD ? ? A CYS 51 A CD 69 1_555 ? ? ? ? ? ? ? 2.506 ? ? 
metalc13 metalc ? ? A CYS 20 SG ? ? ? 1_555 E CD . CD ? ? A CYS 51 A CD 72 1_555 ? ? ? ? ? ? ? 2.508 ? ? 
metalc14 metalc ? ? A CYS 33 SG ? ? ? 1_555 B CD . CD ? ? A CYS 64 A CD 69 1_555 ? ? ? ? ? ? ? 2.510 ? ? 
metalc15 metalc ? ? A CYS 35 SG ? ? ? 1_555 B CD . CD ? ? A CYS 66 A CD 69 1_555 ? ? ? ? ? ? ? 2.513 ? ? 
metalc16 metalc ? ? A CYS 36 SG ? ? ? 1_555 B CD . CD ? ? A CYS 67 A CD 69 1_555 ? ? ? ? ? ? ? 2.506 ? ? 
metalc17 metalc ? ? A CYS 36 SG ? ? ? 1_555 D CD . CD ? ? A CYS 67 A CD 71 1_555 ? ? ? ? ? ? ? 2.510 ? ? 
# 
_struct_conn_type.id          metalc 
_struct_conn_type.criteria    ? 
_struct_conn_type.reference   ? 
# 
loop_
_pdbx_struct_conn_angle.id 
_pdbx_struct_conn_angle.ptnr1_label_atom_id 
_pdbx_struct_conn_angle.ptnr1_label_alt_id 
_pdbx_struct_conn_angle.ptnr1_label_asym_id 
_pdbx_struct_conn_angle.ptnr1_label_comp_id 
_pdbx_struct_conn_angle.ptnr1_label_seq_id 
_pdbx_struct_conn_angle.ptnr1_auth_atom_id 
_pdbx_struct_conn_angle.ptnr1_auth_asym_id 
_pdbx_struct_conn_angle.ptnr1_auth_comp_id 
_pdbx_struct_conn_angle.ptnr1_auth_seq_id 
_pdbx_struct_conn_angle.ptnr1_PDB_ins_code 
_pdbx_struct_conn_angle.ptnr1_symmetry 
_pdbx_struct_conn_angle.ptnr2_label_atom_id 
_pdbx_struct_conn_angle.ptnr2_label_alt_id 
_pdbx_struct_conn_angle.ptnr2_label_asym_id 
_pdbx_struct_conn_angle.ptnr2_label_comp_id 
_pdbx_struct_conn_angle.ptnr2_label_seq_id 
_pdbx_struct_conn_angle.ptnr2_auth_atom_id 
_pdbx_struct_conn_angle.ptnr2_auth_asym_id 
_pdbx_struct_conn_angle.ptnr2_auth_comp_id 
_pdbx_struct_conn_angle.ptnr2_auth_seq_id 
_pdbx_struct_conn_angle.ptnr2_PDB_ins_code 
_pdbx_struct_conn_angle.ptnr2_symmetry 
_pdbx_struct_conn_angle.ptnr3_label_atom_id 
_pdbx_struct_conn_angle.ptnr3_label_alt_id 
_pdbx_struct_conn_angle.ptnr3_label_asym_id 
_pdbx_struct_conn_angle.ptnr3_label_comp_id 
_pdbx_struct_conn_angle.ptnr3_label_seq_id 
_pdbx_struct_conn_angle.ptnr3_auth_atom_id 
_pdbx_struct_conn_angle.ptnr3_auth_asym_id 
_pdbx_struct_conn_angle.ptnr3_auth_comp_id 
_pdbx_struct_conn_angle.ptnr3_auth_seq_id 
_pdbx_struct_conn_angle.ptnr3_PDB_ins_code 
_pdbx_struct_conn_angle.ptnr3_symmetry 
_pdbx_struct_conn_angle.value 
_pdbx_struct_conn_angle.value_esd 
1  O  ? A CYS 3  ? A CYS 34 ? 1_555 CD ? C CD . ? A CD 70 ? 1_555 SG ? A CYS 3  ? A CYS 34 ? 1_555 65.3  ? 
2  O  ? A CYS 3  ? A CYS 34 ? 1_555 CD ? C CD . ? A CD 70 ? 1_555 SG ? A CYS 4  ? A CYS 35 ? 1_555 58.0  ? 
3  SG ? A CYS 3  ? A CYS 34 ? 1_555 CD ? C CD . ? A CD 70 ? 1_555 SG ? A CYS 4  ? A CYS 35 ? 1_555 110.0 ? 
4  O  ? A CYS 3  ? A CYS 34 ? 1_555 CD ? C CD . ? A CD 70 ? 1_555 SG ? A CYS 14 ? A CYS 45 ? 1_555 169.2 ? 
5  SG ? A CYS 3  ? A CYS 34 ? 1_555 CD ? C CD . ? A CD 70 ? 1_555 SG ? A CYS 14 ? A CYS 45 ? 1_555 107.7 ? 
6  SG ? A CYS 4  ? A CYS 35 ? 1_555 CD ? C CD . ? A CD 70 ? 1_555 SG ? A CYS 14 ? A CYS 45 ? 1_555 120.6 ? 
7  O  ? A CYS 3  ? A CYS 34 ? 1_555 CD ? C CD . ? A CD 70 ? 1_555 SG ? A CYS 18 ? A CYS 49 ? 1_555 83.2  ? 
8  SG ? A CYS 3  ? A CYS 34 ? 1_555 CD ? C CD . ? A CD 70 ? 1_555 SG ? A CYS 18 ? A CYS 49 ? 1_555 109.4 ? 
9  SG ? A CYS 4  ? A CYS 35 ? 1_555 CD ? C CD . ? A CD 70 ? 1_555 SG ? A CYS 18 ? A CYS 49 ? 1_555 101.3 ? 
10 SG ? A CYS 14 ? A CYS 45 ? 1_555 CD ? C CD . ? A CD 70 ? 1_555 SG ? A CYS 18 ? A CYS 49 ? 1_555 107.3 ? 
11 SG ? A CYS 4  ? A CYS 35 ? 1_555 CD ? E CD . ? A CD 72 ? 1_555 SG ? A CYS 6  ? A CYS 37 ? 1_555 100.9 ? 
12 SG ? A CYS 4  ? A CYS 35 ? 1_555 CD ? E CD . ? A CD 72 ? 1_555 SG ? A CYS 7  ? A CYS 38 ? 1_555 110.1 ? 
13 SG ? A CYS 6  ? A CYS 37 ? 1_555 CD ? E CD . ? A CD 72 ? 1_555 SG ? A CYS 7  ? A CYS 38 ? 1_555 107.0 ? 
14 SG ? A CYS 4  ? A CYS 35 ? 1_555 CD ? E CD . ? A CD 72 ? 1_555 SG ? A CYS 20 ? A CYS 51 ? 1_555 106.8 ? 
15 SG ? A CYS 6  ? A CYS 37 ? 1_555 CD ? E CD . ? A CD 72 ? 1_555 SG ? A CYS 20 ? A CYS 51 ? 1_555 122.2 ? 
16 SG ? A CYS 7  ? A CYS 38 ? 1_555 CD ? E CD . ? A CD 72 ? 1_555 SG ? A CYS 20 ? A CYS 51 ? 1_555 109.3 ? 
17 SG ? A CYS 7  ? A CYS 38 ? 1_555 CD ? D CD . ? A CD 71 ? 1_555 SG ? A CYS 11 ? A CYS 42 ? 1_555 96.5  ? 
18 SG ? A CYS 7  ? A CYS 38 ? 1_555 CD ? D CD . ? A CD 71 ? 1_555 SG ? A CYS 14 ? A CYS 45 ? 1_555 117.5 ? 
19 SG ? A CYS 11 ? A CYS 42 ? 1_555 CD ? D CD . ? A CD 71 ? 1_555 SG ? A CYS 14 ? A CYS 45 ? 1_555 114.1 ? 
20 SG ? A CYS 7  ? A CYS 38 ? 1_555 CD ? D CD . ? A CD 71 ? 1_555 SG ? A CYS 36 ? A CYS 67 ? 1_555 109.8 ? 
21 SG ? A CYS 11 ? A CYS 42 ? 1_555 CD ? D CD . ? A CD 71 ? 1_555 SG ? A CYS 36 ? A CYS 67 ? 1_555 99.1  ? 
22 SG ? A CYS 14 ? A CYS 45 ? 1_555 CD ? D CD . ? A CD 71 ? 1_555 SG ? A CYS 36 ? A CYS 67 ? 1_555 116.6 ? 
23 SG ? A CYS 20 ? A CYS 51 ? 1_555 CD ? B CD . ? A CD 69 ? 1_555 SG ? A CYS 33 ? A CYS 64 ? 1_555 113.4 ? 
24 SG ? A CYS 20 ? A CYS 51 ? 1_555 CD ? B CD . ? A CD 69 ? 1_555 SG ? A CYS 35 ? A CYS 66 ? 1_555 108.7 ? 
25 SG ? A CYS 33 ? A CYS 64 ? 1_555 CD ? B CD . ? A CD 69 ? 1_555 SG ? A CYS 35 ? A CYS 66 ? 1_555 106.2 ? 
26 SG ? A CYS 20 ? A CYS 51 ? 1_555 CD ? B CD . ? A CD 69 ? 1_555 SG ? A CYS 36 ? A CYS 67 ? 1_555 102.2 ? 
27 SG ? A CYS 33 ? A CYS 64 ? 1_555 CD ? B CD . ? A CD 69 ? 1_555 SG ? A CYS 36 ? A CYS 67 ? 1_555 110.2 ? 
28 SG ? A CYS 35 ? A CYS 66 ? 1_555 CD ? B CD . ? A CD 69 ? 1_555 SG ? A CYS 36 ? A CYS 67 ? 1_555 116.3 ? 
# 
loop_
_struct_site.id 
_struct_site.pdbx_evidence_code 
_struct_site.pdbx_auth_asym_id 
_struct_site.pdbx_auth_comp_id 
_struct_site.pdbx_auth_seq_id 
_struct_site.pdbx_auth_ins_code 
_struct_site.pdbx_num_residues 
_struct_site.details 
AC1 Software A CD 69 ? 6 'BINDING SITE FOR RESIDUE CD A 69' 
AC2 Software A CD 70 ? 4 'BINDING SITE FOR RESIDUE CD A 70' 
AC3 Software A CD 71 ? 7 'BINDING SITE FOR RESIDUE CD A 71' 
AC4 Software A CD 72 ? 7 'BINDING SITE FOR RESIDUE CD A 72' 
# 
loop_
_struct_site_gen.id 
_struct_site_gen.site_id 
_struct_site_gen.pdbx_num_res 
_struct_site_gen.label_comp_id 
_struct_site_gen.label_asym_id 
_struct_site_gen.label_seq_id 
_struct_site_gen.pdbx_auth_ins_code 
_struct_site_gen.auth_comp_id 
_struct_site_gen.auth_asym_id 
_struct_site_gen.auth_seq_id 
_struct_site_gen.label_atom_id 
_struct_site_gen.label_alt_id 
_struct_site_gen.symmetry 
_struct_site_gen.details 
1  AC1 6 CYS A 20 ? CYS A 51 . ? 1_555 ? 
2  AC1 6 CYS A 33 ? CYS A 64 . ? 1_555 ? 
3  AC1 6 CYS A 35 ? CYS A 66 . ? 1_555 ? 
4  AC1 6 CYS A 36 ? CYS A 67 . ? 1_555 ? 
5  AC1 6 CD  D .  ? CD  A 71 . ? 1_555 ? 
6  AC1 6 CD  E .  ? CD  A 72 . ? 1_555 ? 
7  AC2 4 CYS A 3  ? CYS A 34 . ? 1_555 ? 
8  AC2 4 CYS A 4  ? CYS A 35 . ? 1_555 ? 
9  AC2 4 CYS A 14 ? CYS A 45 . ? 1_555 ? 
10 AC2 4 CYS A 18 ? CYS A 49 . ? 1_555 ? 
11 AC3 7 CYS A 7  ? CYS A 38 . ? 1_555 ? 
12 AC3 7 CYS A 11 ? CYS A 42 . ? 1_555 ? 
13 AC3 7 CYS A 14 ? CYS A 45 . ? 1_555 ? 
14 AC3 7 CYS A 20 ? CYS A 51 . ? 1_555 ? 
15 AC3 7 CYS A 36 ? CYS A 67 . ? 1_555 ? 
16 AC3 7 CD  B .  ? CD  A 69 . ? 1_555 ? 
17 AC3 7 CD  E .  ? CD  A 72 . ? 1_555 ? 
18 AC4 7 CYS A 4  ? CYS A 35 . ? 1_555 ? 
19 AC4 7 CYS A 6  ? CYS A 37 . ? 1_555 ? 
20 AC4 7 CYS A 7  ? CYS A 38 . ? 1_555 ? 
21 AC4 7 CYS A 20 ? CYS A 51 . ? 1_555 ? 
22 AC4 7 CYS A 33 ? CYS A 64 . ? 1_555 ? 
23 AC4 7 CD  B .  ? CD  A 69 . ? 1_555 ? 
24 AC4 7 CD  D .  ? CD  A 71 . ? 1_555 ? 
# 
loop_
_pdbx_validate_close_contact.id 
_pdbx_validate_close_contact.PDB_model_num 
_pdbx_validate_close_contact.auth_atom_id_1 
_pdbx_validate_close_contact.auth_asym_id_1 
_pdbx_validate_close_contact.auth_comp_id_1 
_pdbx_validate_close_contact.auth_seq_id_1 
_pdbx_validate_close_contact.PDB_ins_code_1 
_pdbx_validate_close_contact.label_alt_id_1 
_pdbx_validate_close_contact.auth_atom_id_2 
_pdbx_validate_close_contact.auth_asym_id_2 
_pdbx_validate_close_contact.auth_comp_id_2 
_pdbx_validate_close_contact.auth_seq_id_2 
_pdbx_validate_close_contact.PDB_ins_code_2 
_pdbx_validate_close_contact.label_alt_id_2 
_pdbx_validate_close_contact.dist 
1 1 O  A GLU 55 ? ? HZ3 A LYS 58 ? ? 1.45 
2 1 HG A CYS 51 ? ? CD  A CD  69 ? ? 1.55 
# 
_pdbx_validate_rmsd_angle.id                         1 
_pdbx_validate_rmsd_angle.PDB_model_num              1 
_pdbx_validate_rmsd_angle.auth_atom_id_1             N 
_pdbx_validate_rmsd_angle.auth_asym_id_1             A 
_pdbx_validate_rmsd_angle.auth_comp_id_1             ALA 
_pdbx_validate_rmsd_angle.auth_seq_id_1              46 
_pdbx_validate_rmsd_angle.PDB_ins_code_1             ? 
_pdbx_validate_rmsd_angle.label_alt_id_1             ? 
_pdbx_validate_rmsd_angle.auth_atom_id_2             CA 
_pdbx_validate_rmsd_angle.auth_asym_id_2             A 
_pdbx_validate_rmsd_angle.auth_comp_id_2             ALA 
_pdbx_validate_rmsd_angle.auth_seq_id_2              46 
_pdbx_validate_rmsd_angle.PDB_ins_code_2             ? 
_pdbx_validate_rmsd_angle.label_alt_id_2             ? 
_pdbx_validate_rmsd_angle.auth_atom_id_3             CB 
_pdbx_validate_rmsd_angle.auth_asym_id_3             A 
_pdbx_validate_rmsd_angle.auth_comp_id_3             ALA 
_pdbx_validate_rmsd_angle.auth_seq_id_3              46 
_pdbx_validate_rmsd_angle.PDB_ins_code_3             ? 
_pdbx_validate_rmsd_angle.label_alt_id_3             ? 
_pdbx_validate_rmsd_angle.angle_value                101.48 
_pdbx_validate_rmsd_angle.angle_target_value         110.10 
_pdbx_validate_rmsd_angle.angle_deviation            -8.62 
_pdbx_validate_rmsd_angle.angle_standard_deviation   1.40 
_pdbx_validate_rmsd_angle.linker_flag                N 
# 
loop_
_pdbx_validate_torsion.id 
_pdbx_validate_torsion.PDB_model_num 
_pdbx_validate_torsion.auth_comp_id 
_pdbx_validate_torsion.auth_asym_id 
_pdbx_validate_torsion.auth_seq_id 
_pdbx_validate_torsion.PDB_ins_code 
_pdbx_validate_torsion.label_alt_id 
_pdbx_validate_torsion.phi 
_pdbx_validate_torsion.psi 
1  1 CYS A 34 ? ? 35.46   26.23   
2  1 CYS A 42 ? ? -48.95  107.49  
3  1 ASP A 48 ? ? 178.51  41.43   
4  1 CYS A 49 ? ? 55.02   88.05   
5  1 GLU A 54 ? ? -86.36  45.94   
6  1 GLU A 55 ? ? -94.81  -99.25  
7  1 ALA A 57 ? ? -88.19  40.09   
8  1 LYS A 58 ? ? -38.74  132.69  
9  1 ALA A 61 ? ? -38.54  -25.93  
10 1 GLU A 62 ? ? 89.79   -21.06  
11 1 CYS A 64 ? ? -118.51 -165.93 
# 
_pdbx_nmr_ensemble.entry_id                                      1JI9 
_pdbx_nmr_ensemble.conformers_calculated_total_number            50 
_pdbx_nmr_ensemble.conformers_submitted_total_number             1 
_pdbx_nmr_ensemble.conformer_selection_criteria                  'Minimized average structure' 
_pdbx_nmr_ensemble.average_constraints_per_residue               ? 
_pdbx_nmr_ensemble.average_constraint_violations_per_residue     ? 
_pdbx_nmr_ensemble.maximum_distance_constraint_violation         ? 
_pdbx_nmr_ensemble.average_distance_constraint_violation         ? 
_pdbx_nmr_ensemble.maximum_upper_distance_constraint_violation   ? 
_pdbx_nmr_ensemble.maximum_lower_distance_constraint_violation   ? 
_pdbx_nmr_ensemble.distance_constraint_violation_method          ? 
_pdbx_nmr_ensemble.maximum_torsion_angle_constraint_violation    ? 
_pdbx_nmr_ensemble.average_torsion_angle_constraint_violation    ? 
_pdbx_nmr_ensemble.torsion_angle_constraint_violation_method     ? 
# 
_pdbx_nmr_representative.entry_id             1JI9 
_pdbx_nmr_representative.conformer_id         ? 
_pdbx_nmr_representative.selection_criteria   'minimized average structure' 
# 
_pdbx_nmr_sample_details.solution_id      1 
_pdbx_nmr_sample_details.contents         '1.6 mM mouse metallothionein-3' 
_pdbx_nmr_sample_details.solvent_system   '20 mM deuterated Tris-HCl buffer' 
# 
loop_
_pdbx_nmr_exptl_sample_conditions.conditions_id 
_pdbx_nmr_exptl_sample_conditions.temperature 
_pdbx_nmr_exptl_sample_conditions.pressure 
_pdbx_nmr_exptl_sample_conditions.pH 
_pdbx_nmr_exptl_sample_conditions.ionic_strength 
_pdbx_nmr_exptl_sample_conditions.pressure_units 
_pdbx_nmr_exptl_sample_conditions.temperature_units 
1 283 1 6.5 '20mM Tris-HCl' atm K 
2 303 1 6.5 '20mM Tris-HCl' atm K 
# 
loop_
_pdbx_nmr_exptl.experiment_id 
_pdbx_nmr_exptl.conditions_id 
_pdbx_nmr_exptl.type 
_pdbx_nmr_exptl.solution_id 
1 1 '2D NOESY'      1 
2 1 '2D TOCSY'      1 
3 2 '1H-113Cd HMQC' 1 
# 
_pdbx_nmr_details.entry_id   1JI9 
_pdbx_nmr_details.text       
'This structure was determined using standard 2D homonuclear techniques and 2D 1H-113Cd HMQC spectroscopy.' 
# 
_pdbx_nmr_refine.entry_id           1JI9 
_pdbx_nmr_refine.method             'HYBRID DISTANCE GEOMETRY-DYNAMICAL SIMULATED ANNEALING' 
_pdbx_nmr_refine.details            
;A total of 377 NOE-derived distance constraints   
and 16 cadmium-to-cysteine connectivities   
were used in the structure calculations.
;
_pdbx_nmr_refine.software_ordinal   1 
# 
loop_
_pdbx_nmr_software.classification 
_pdbx_nmr_software.name 
_pdbx_nmr_software.version 
_pdbx_nmr_software.authors 
_pdbx_nmr_software.ordinal 
'structure solution' X-PLOR 3.851 Brunger 1 
refinement           X-PLOR 3.851 Brunger 2 
# 
loop_
_chem_comp_atom.comp_id 
_chem_comp_atom.atom_id 
_chem_comp_atom.type_symbol 
_chem_comp_atom.pdbx_aromatic_flag 
_chem_comp_atom.pdbx_stereo_config 
_chem_comp_atom.pdbx_ordinal 
ALA N    N  N N 1   
ALA CA   C  N S 2   
ALA C    C  N N 3   
ALA O    O  N N 4   
ALA CB   C  N N 5   
ALA OXT  O  N N 6   
ALA H    H  N N 7   
ALA H2   H  N N 8   
ALA HA   H  N N 9   
ALA HB1  H  N N 10  
ALA HB2  H  N N 11  
ALA HB3  H  N N 12  
ALA HXT  H  N N 13  
ASP N    N  N N 14  
ASP CA   C  N S 15  
ASP C    C  N N 16  
ASP O    O  N N 17  
ASP CB   C  N N 18  
ASP CG   C  N N 19  
ASP OD1  O  N N 20  
ASP OD2  O  N N 21  
ASP OXT  O  N N 22  
ASP H    H  N N 23  
ASP H2   H  N N 24  
ASP HA   H  N N 25  
ASP HB2  H  N N 26  
ASP HB3  H  N N 27  
ASP HD2  H  N N 28  
ASP HXT  H  N N 29  
CD  CD   CD N N 30  
CYS N    N  N N 31  
CYS CA   C  N R 32  
CYS C    C  N N 33  
CYS O    O  N N 34  
CYS CB   C  N N 35  
CYS SG   S  N N 36  
CYS OXT  O  N N 37  
CYS H    H  N N 38  
CYS H2   H  N N 39  
CYS HA   H  N N 40  
CYS HB2  H  N N 41  
CYS HB3  H  N N 42  
CYS HG   H  N N 43  
CYS HXT  H  N N 44  
GLN N    N  N N 45  
GLN CA   C  N S 46  
GLN C    C  N N 47  
GLN O    O  N N 48  
GLN CB   C  N N 49  
GLN CG   C  N N 50  
GLN CD   C  N N 51  
GLN OE1  O  N N 52  
GLN NE2  N  N N 53  
GLN OXT  O  N N 54  
GLN H    H  N N 55  
GLN H2   H  N N 56  
GLN HA   H  N N 57  
GLN HB2  H  N N 58  
GLN HB3  H  N N 59  
GLN HG2  H  N N 60  
GLN HG3  H  N N 61  
GLN HE21 H  N N 62  
GLN HE22 H  N N 63  
GLN HXT  H  N N 64  
GLU N    N  N N 65  
GLU CA   C  N S 66  
GLU C    C  N N 67  
GLU O    O  N N 68  
GLU CB   C  N N 69  
GLU CG   C  N N 70  
GLU CD   C  N N 71  
GLU OE1  O  N N 72  
GLU OE2  O  N N 73  
GLU OXT  O  N N 74  
GLU H    H  N N 75  
GLU H2   H  N N 76  
GLU HA   H  N N 77  
GLU HB2  H  N N 78  
GLU HB3  H  N N 79  
GLU HG2  H  N N 80  
GLU HG3  H  N N 81  
GLU HE2  H  N N 82  
GLU HXT  H  N N 83  
GLY N    N  N N 84  
GLY CA   C  N N 85  
GLY C    C  N N 86  
GLY O    O  N N 87  
GLY OXT  O  N N 88  
GLY H    H  N N 89  
GLY H2   H  N N 90  
GLY HA2  H  N N 91  
GLY HA3  H  N N 92  
GLY HXT  H  N N 93  
LYS N    N  N N 94  
LYS CA   C  N S 95  
LYS C    C  N N 96  
LYS O    O  N N 97  
LYS CB   C  N N 98  
LYS CG   C  N N 99  
LYS CD   C  N N 100 
LYS CE   C  N N 101 
LYS NZ   N  N N 102 
LYS OXT  O  N N 103 
LYS H    H  N N 104 
LYS H2   H  N N 105 
LYS HA   H  N N 106 
LYS HB2  H  N N 107 
LYS HB3  H  N N 108 
LYS HG2  H  N N 109 
LYS HG3  H  N N 110 
LYS HD2  H  N N 111 
LYS HD3  H  N N 112 
LYS HE2  H  N N 113 
LYS HE3  H  N N 114 
LYS HZ1  H  N N 115 
LYS HZ2  H  N N 116 
LYS HZ3  H  N N 117 
LYS HXT  H  N N 118 
PRO N    N  N N 119 
PRO CA   C  N S 120 
PRO C    C  N N 121 
PRO O    O  N N 122 
PRO CB   C  N N 123 
PRO CG   C  N N 124 
PRO CD   C  N N 125 
PRO OXT  O  N N 126 
PRO H    H  N N 127 
PRO HA   H  N N 128 
PRO HB2  H  N N 129 
PRO HB3  H  N N 130 
PRO HG2  H  N N 131 
PRO HG3  H  N N 132 
PRO HD2  H  N N 133 
PRO HD3  H  N N 134 
PRO HXT  H  N N 135 
SER N    N  N N 136 
SER CA   C  N S 137 
SER C    C  N N 138 
SER O    O  N N 139 
SER CB   C  N N 140 
SER OG   O  N N 141 
SER OXT  O  N N 142 
SER H    H  N N 143 
SER H2   H  N N 144 
SER HA   H  N N 145 
SER HB2  H  N N 146 
SER HB3  H  N N 147 
SER HG   H  N N 148 
SER HXT  H  N N 149 
VAL N    N  N N 150 
VAL CA   C  N S 151 
VAL C    C  N N 152 
VAL O    O  N N 153 
VAL CB   C  N N 154 
VAL CG1  C  N N 155 
VAL CG2  C  N N 156 
VAL OXT  O  N N 157 
VAL H    H  N N 158 
VAL H2   H  N N 159 
VAL HA   H  N N 160 
VAL HB   H  N N 161 
VAL HG11 H  N N 162 
VAL HG12 H  N N 163 
VAL HG13 H  N N 164 
VAL HG21 H  N N 165 
VAL HG22 H  N N 166 
VAL HG23 H  N N 167 
VAL HXT  H  N N 168 
# 
loop_
_chem_comp_bond.comp_id 
_chem_comp_bond.atom_id_1 
_chem_comp_bond.atom_id_2 
_chem_comp_bond.value_order 
_chem_comp_bond.pdbx_aromatic_flag 
_chem_comp_bond.pdbx_stereo_config 
_chem_comp_bond.pdbx_ordinal 
ALA N   CA   sing N N 1   
ALA N   H    sing N N 2   
ALA N   H2   sing N N 3   
ALA CA  C    sing N N 4   
ALA CA  CB   sing N N 5   
ALA CA  HA   sing N N 6   
ALA C   O    doub N N 7   
ALA C   OXT  sing N N 8   
ALA CB  HB1  sing N N 9   
ALA CB  HB2  sing N N 10  
ALA CB  HB3  sing N N 11  
ALA OXT HXT  sing N N 12  
ASP N   CA   sing N N 13  
ASP N   H    sing N N 14  
ASP N   H2   sing N N 15  
ASP CA  C    sing N N 16  
ASP CA  CB   sing N N 17  
ASP CA  HA   sing N N 18  
ASP C   O    doub N N 19  
ASP C   OXT  sing N N 20  
ASP CB  CG   sing N N 21  
ASP CB  HB2  sing N N 22  
ASP CB  HB3  sing N N 23  
ASP CG  OD1  doub N N 24  
ASP CG  OD2  sing N N 25  
ASP OD2 HD2  sing N N 26  
ASP OXT HXT  sing N N 27  
CYS N   CA   sing N N 28  
CYS N   H    sing N N 29  
CYS N   H2   sing N N 30  
CYS CA  C    sing N N 31  
CYS CA  CB   sing N N 32  
CYS CA  HA   sing N N 33  
CYS C   O    doub N N 34  
CYS C   OXT  sing N N 35  
CYS CB  SG   sing N N 36  
CYS CB  HB2  sing N N 37  
CYS CB  HB3  sing N N 38  
CYS SG  HG   sing N N 39  
CYS OXT HXT  sing N N 40  
GLN N   CA   sing N N 41  
GLN N   H    sing N N 42  
GLN N   H2   sing N N 43  
GLN CA  C    sing N N 44  
GLN CA  CB   sing N N 45  
GLN CA  HA   sing N N 46  
GLN C   O    doub N N 47  
GLN C   OXT  sing N N 48  
GLN CB  CG   sing N N 49  
GLN CB  HB2  sing N N 50  
GLN CB  HB3  sing N N 51  
GLN CG  CD   sing N N 52  
GLN CG  HG2  sing N N 53  
GLN CG  HG3  sing N N 54  
GLN CD  OE1  doub N N 55  
GLN CD  NE2  sing N N 56  
GLN NE2 HE21 sing N N 57  
GLN NE2 HE22 sing N N 58  
GLN OXT HXT  sing N N 59  
GLU N   CA   sing N N 60  
GLU N   H    sing N N 61  
GLU N   H2   sing N N 62  
GLU CA  C    sing N N 63  
GLU CA  CB   sing N N 64  
GLU CA  HA   sing N N 65  
GLU C   O    doub N N 66  
GLU C   OXT  sing N N 67  
GLU CB  CG   sing N N 68  
GLU CB  HB2  sing N N 69  
GLU CB  HB3  sing N N 70  
GLU CG  CD   sing N N 71  
GLU CG  HG2  sing N N 72  
GLU CG  HG3  sing N N 73  
GLU CD  OE1  doub N N 74  
GLU CD  OE2  sing N N 75  
GLU OE2 HE2  sing N N 76  
GLU OXT HXT  sing N N 77  
GLY N   CA   sing N N 78  
GLY N   H    sing N N 79  
GLY N   H2   sing N N 80  
GLY CA  C    sing N N 81  
GLY CA  HA2  sing N N 82  
GLY CA  HA3  sing N N 83  
GLY C   O    doub N N 84  
GLY C   OXT  sing N N 85  
GLY OXT HXT  sing N N 86  
LYS N   CA   sing N N 87  
LYS N   H    sing N N 88  
LYS N   H2   sing N N 89  
LYS CA  C    sing N N 90  
LYS CA  CB   sing N N 91  
LYS CA  HA   sing N N 92  
LYS C   O    doub N N 93  
LYS C   OXT  sing N N 94  
LYS CB  CG   sing N N 95  
LYS CB  HB2  sing N N 96  
LYS CB  HB3  sing N N 97  
LYS CG  CD   sing N N 98  
LYS CG  HG2  sing N N 99  
LYS CG  HG3  sing N N 100 
LYS CD  CE   sing N N 101 
LYS CD  HD2  sing N N 102 
LYS CD  HD3  sing N N 103 
LYS CE  NZ   sing N N 104 
LYS CE  HE2  sing N N 105 
LYS CE  HE3  sing N N 106 
LYS NZ  HZ1  sing N N 107 
LYS NZ  HZ2  sing N N 108 
LYS NZ  HZ3  sing N N 109 
LYS OXT HXT  sing N N 110 
PRO N   CA   sing N N 111 
PRO N   CD   sing N N 112 
PRO N   H    sing N N 113 
PRO CA  C    sing N N 114 
PRO CA  CB   sing N N 115 
PRO CA  HA   sing N N 116 
PRO C   O    doub N N 117 
PRO C   OXT  sing N N 118 
PRO CB  CG   sing N N 119 
PRO CB  HB2  sing N N 120 
PRO CB  HB3  sing N N 121 
PRO CG  CD   sing N N 122 
PRO CG  HG2  sing N N 123 
PRO CG  HG3  sing N N 124 
PRO CD  HD2  sing N N 125 
PRO CD  HD3  sing N N 126 
PRO OXT HXT  sing N N 127 
SER N   CA   sing N N 128 
SER N   H    sing N N 129 
SER N   H2   sing N N 130 
SER CA  C    sing N N 131 
SER CA  CB   sing N N 132 
SER CA  HA   sing N N 133 
SER C   O    doub N N 134 
SER C   OXT  sing N N 135 
SER CB  OG   sing N N 136 
SER CB  HB2  sing N N 137 
SER CB  HB3  sing N N 138 
SER OG  HG   sing N N 139 
SER OXT HXT  sing N N 140 
VAL N   CA   sing N N 141 
VAL N   H    sing N N 142 
VAL N   H2   sing N N 143 
VAL CA  C    sing N N 144 
VAL CA  CB   sing N N 145 
VAL CA  HA   sing N N 146 
VAL C   O    doub N N 147 
VAL C   OXT  sing N N 148 
VAL CB  CG1  sing N N 149 
VAL CB  CG2  sing N N 150 
VAL CB  HB   sing N N 151 
VAL CG1 HG11 sing N N 152 
VAL CG1 HG12 sing N N 153 
VAL CG1 HG13 sing N N 154 
VAL CG2 HG21 sing N N 155 
VAL CG2 HG22 sing N N 156 
VAL CG2 HG23 sing N N 157 
VAL OXT HXT  sing N N 158 
# 
loop_
_pdbx_nmr_spectrometer.spectrometer_id 
_pdbx_nmr_spectrometer.model 
_pdbx_nmr_spectrometer.manufacturer 
_pdbx_nmr_spectrometer.field_strength 
_pdbx_nmr_spectrometer.type 
1 'Unity INOVA' Varian 800 ? 
2 'Unity INOVA' Varian 600 ? 
# 
_atom_sites.entry_id                    1JI9 
_atom_sites.fract_transf_matrix[1][1]   1.000000 
_atom_sites.fract_transf_matrix[1][2]   0.000000 
_atom_sites.fract_transf_matrix[1][3]   0.000000 
_atom_sites.fract_transf_matrix[2][1]   0.000000 
_atom_sites.fract_transf_matrix[2][2]   1.000000 
_atom_sites.fract_transf_matrix[2][3]   0.000000 
_atom_sites.fract_transf_matrix[3][1]   0.000000 
_atom_sites.fract_transf_matrix[3][2]   0.000000 
_atom_sites.fract_transf_matrix[3][3]   1.000000 
_atom_sites.fract_transf_vector[1]      0.00000 
_atom_sites.fract_transf_vector[2]      0.00000 
_atom_sites.fract_transf_vector[3]      0.00000 
# 
loop_
_atom_type.symbol 
C  
CD 
H  
N  
O  
S  
# 
loop_
_atom_site.group_PDB 
_atom_site.id 
_atom_site.type_symbol 
_atom_site.label_atom_id 
_atom_site.label_alt_id 
_atom_site.label_comp_id 
_atom_site.label_asym_id 
_atom_site.label_entity_id 
_atom_site.label_seq_id 
_atom_site.pdbx_PDB_ins_code 
_atom_site.Cartn_x 
_atom_site.Cartn_y 
_atom_site.Cartn_z 
_atom_site.occupancy 
_atom_site.B_iso_or_equiv 
_atom_site.pdbx_formal_charge 
_atom_site.auth_seq_id 
_atom_site.auth_comp_id 
_atom_site.auth_asym_id 
_atom_site.auth_atom_id 
_atom_site.pdbx_PDB_model_num 
ATOM   1   N  N    . LYS A 1 1  ? 1.960   -9.217  -6.148  1.00 1.94 ? 32 LYS A N    1 
ATOM   2   C  CA   . LYS A 1 1  ? 0.974   -9.566  -5.083  1.00 1.49 ? 32 LYS A CA   1 
ATOM   3   C  C    . LYS A 1 1  ? 0.324   -8.298  -4.524  1.00 1.14 ? 32 LYS A C    1 
ATOM   4   O  O    . LYS A 1 1  ? 0.826   -7.205  -4.696  1.00 1.67 ? 32 LYS A O    1 
ATOM   5   C  CB   . LYS A 1 1  ? 1.794   -10.266 -4.000  1.00 2.02 ? 32 LYS A CB   1 
ATOM   6   C  CG   . LYS A 1 1  ? 1.964   -11.743 -4.361  1.00 2.50 ? 32 LYS A CG   1 
ATOM   7   C  CD   . LYS A 1 1  ? 1.750   -12.600 -3.112  1.00 3.06 ? 32 LYS A CD   1 
ATOM   8   C  CE   . LYS A 1 1  ? 0.277   -13.005 -3.017  1.00 3.65 ? 32 LYS A CE   1 
ATOM   9   N  NZ   . LYS A 1 1  ? -0.199  -12.421 -1.733  1.00 4.54 ? 32 LYS A NZ   1 
ATOM   10  H  H1   . LYS A 1 1  ? 2.261   -10.082 -6.640  1.00 2.21 ? 32 LYS A H1   1 
ATOM   11  H  H2   . LYS A 1 1  ? 2.787   -8.758  -5.715  1.00 2.57 ? 32 LYS A H2   1 
ATOM   12  H  H3   . LYS A 1 1  ? 1.519   -8.568  -6.831  1.00 2.11 ? 32 LYS A H3   1 
ATOM   13  H  HA   . LYS A 1 1  ? 0.223   -10.238 -5.469  1.00 1.84 ? 32 LYS A HA   1 
ATOM   14  H  HB2  . LYS A 1 1  ? 2.764   -9.798  -3.925  1.00 2.59 ? 32 LYS A HB2  1 
ATOM   15  H  HB3  . LYS A 1 1  ? 1.281   -10.186 -3.053  1.00 2.40 ? 32 LYS A HB3  1 
ATOM   16  H  HG2  . LYS A 1 1  ? 1.240   -12.014 -5.115  1.00 2.78 ? 32 LYS A HG2  1 
ATOM   17  H  HG3  . LYS A 1 1  ? 2.961   -11.909 -4.741  1.00 2.96 ? 32 LYS A HG3  1 
ATOM   18  H  HD2  . LYS A 1 1  ? 2.365   -13.486 -3.175  1.00 3.41 ? 32 LYS A HD2  1 
ATOM   19  H  HD3  . LYS A 1 1  ? 2.022   -12.034 -2.235  1.00 3.25 ? 32 LYS A HD3  1 
ATOM   20  H  HE2  . LYS A 1 1  ? -0.279  -12.596 -3.849  1.00 3.71 ? 32 LYS A HE2  1 
ATOM   21  H  HE3  . LYS A 1 1  ? 0.182   -14.080 -2.991  1.00 3.89 ? 32 LYS A HE3  1 
ATOM   22  H  HZ1  . LYS A 1 1  ? 0.382   -12.783 -0.951  1.00 5.03 ? 32 LYS A HZ1  1 
ATOM   23  H  HZ2  . LYS A 1 1  ? -1.193  -12.686 -1.579  1.00 4.70 ? 32 LYS A HZ2  1 
ATOM   24  H  HZ3  . LYS A 1 1  ? -0.117  -11.385 -1.771  1.00 4.89 ? 32 LYS A HZ3  1 
ATOM   25  N  N    . SER A 1 2  ? -0.788  -8.434  -3.853  1.00 1.05 ? 33 SER A N    1 
ATOM   26  C  CA   . SER A 1 2  ? -1.465  -7.234  -3.281  1.00 0.88 ? 33 SER A CA   1 
ATOM   27  C  C    . SER A 1 2  ? -0.489  -6.451  -2.407  1.00 0.95 ? 33 SER A C    1 
ATOM   28  O  O    . SER A 1 2  ? -0.677  -5.282  -2.139  1.00 1.93 ? 33 SER A O    1 
ATOM   29  C  CB   . SER A 1 2  ? -2.611  -7.791  -2.439  1.00 0.94 ? 33 SER A CB   1 
ATOM   30  O  OG   . SER A 1 2  ? -3.693  -8.144  -3.291  1.00 1.68 ? 33 SER A OG   1 
ATOM   31  H  H    . SER A 1 2  ? -1.175  -9.325  -3.724  1.00 1.62 ? 33 SER A H    1 
ATOM   32  H  HA   . SER A 1 2  ? -1.849  -6.612  -4.063  1.00 1.14 ? 33 SER A HA   1 
ATOM   33  H  HB2  . SER A 1 2  ? -2.279  -8.668  -1.909  1.00 1.18 ? 33 SER A HB2  1 
ATOM   34  H  HB3  . SER A 1 2  ? -2.930  -7.042  -1.726  1.00 1.65 ? 33 SER A HB3  1 
ATOM   35  H  HG   . SER A 1 2  ? -4.133  -8.907  -2.911  1.00 2.05 ? 33 SER A HG   1 
ATOM   36  N  N    . CYS A 1 3  ? 0.551   -7.101  -1.973  1.00 0.52 ? 34 CYS A N    1 
ATOM   37  C  CA   . CYS A 1 3  ? 1.581   -6.436  -1.111  1.00 0.56 ? 34 CYS A CA   1 
ATOM   38  C  C    . CYS A 1 3  ? 0.956   -5.420  -0.162  1.00 0.46 ? 34 CYS A C    1 
ATOM   39  O  O    . CYS A 1 3  ? 1.611   -4.477  0.216   1.00 0.50 ? 34 CYS A O    1 
ATOM   40  C  CB   . CYS A 1 3  ? 2.521   -5.704  -2.084  1.00 0.84 ? 34 CYS A CB   1 
ATOM   41  S  SG   . CYS A 1 3  ? 1.737   -4.179  -2.708  1.00 0.62 ? 34 CYS A SG   1 
ATOM   42  H  H    . CYS A 1 3  ? 0.659   -8.040  -2.222  1.00 1.14 ? 34 CYS A H    1 
ATOM   43  H  HA   . CYS A 1 3  ? 2.138   -7.175  -0.558  1.00 0.68 ? 34 CYS A HA   1 
ATOM   44  H  HB2  . CYS A 1 3  ? 3.436   -5.448  -1.572  1.00 1.49 ? 34 CYS A HB2  1 
ATOM   45  H  HB3  . CYS A 1 3  ? 2.749   -6.353  -2.917  1.00 1.44 ? 34 CYS A HB3  1 
ATOM   46  H  HG   . CYS A 1 3  ? 1.389   -4.360  -3.585  1.00 1.12 ? 34 CYS A HG   1 
ATOM   47  N  N    . CYS A 1 4  ? -0.290  -5.561  0.212   1.00 0.45 ? 35 CYS A N    1 
ATOM   48  C  CA   . CYS A 1 4  ? -0.873  -4.516  1.102   1.00 0.46 ? 35 CYS A CA   1 
ATOM   49  C  C    . CYS A 1 4  ? -2.296  -4.814  1.547   1.00 0.42 ? 35 CYS A C    1 
ATOM   50  O  O    . CYS A 1 4  ? -3.043  -5.534  0.914   1.00 0.72 ? 35 CYS A O    1 
ATOM   51  C  CB   . CYS A 1 4  ? -0.919  -3.288  0.210   1.00 0.77 ? 35 CYS A CB   1 
ATOM   52  S  SG   . CYS A 1 4  ? 0.411   -2.157  0.633   1.00 0.63 ? 35 CYS A SG   1 
ATOM   53  H  H    . CYS A 1 4  ? -0.832  -6.312  -0.108  1.00 0.54 ? 35 CYS A H    1 
ATOM   54  H  HA   . CYS A 1 4  ? -0.248  -4.315  1.949   1.00 0.57 ? 35 CYS A HA   1 
ATOM   55  H  HB2  . CYS A 1 4  ? -0.816  -3.589  -0.821  1.00 1.50 ? 35 CYS A HB2  1 
ATOM   56  H  HB3  . CYS A 1 4  ? -1.864  -2.788  0.343   1.00 1.49 ? 35 CYS A HB3  1 
ATOM   57  H  HG   . CYS A 1 4  ? 0.398   -1.433  0.002   1.00 1.26 ? 35 CYS A HG   1 
ATOM   58  N  N    . SER A 1 5  ? -2.679  -4.167  2.605   1.00 0.43 ? 36 SER A N    1 
ATOM   59  C  CA   . SER A 1 5  ? -4.064  -4.268  3.109   1.00 0.43 ? 36 SER A CA   1 
ATOM   60  C  C    . SER A 1 5  ? -4.787  -3.000  2.649   1.00 0.38 ? 36 SER A C    1 
ATOM   61  O  O    . SER A 1 5  ? -5.998  -2.904  2.680   1.00 0.46 ? 36 SER A O    1 
ATOM   62  C  CB   . SER A 1 5  ? -3.939  -4.304  4.629   1.00 0.56 ? 36 SER A CB   1 
ATOM   63  O  OG   . SER A 1 5  ? -4.182  -5.626  5.092   1.00 0.88 ? 36 SER A OG   1 
ATOM   64  H  H    . SER A 1 5  ? -2.057  -3.549  3.040   1.00 0.71 ? 36 SER A H    1 
ATOM   65  H  HA   . SER A 1 5  ? -4.552  -5.157  2.739   1.00 0.46 ? 36 SER A HA   1 
ATOM   66  H  HB2  . SER A 1 5  ? -2.944  -4.004  4.913   1.00 0.79 ? 36 SER A HB2  1 
ATOM   67  H  HB3  . SER A 1 5  ? -4.656  -3.620  5.060   1.00 0.63 ? 36 SER A HB3  1 
ATOM   68  H  HG   . SER A 1 5  ? -3.529  -6.206  4.693   1.00 1.33 ? 36 SER A HG   1 
ATOM   69  N  N    . CYS A 1 6  ? -4.024  -2.031  2.187   1.00 0.33 ? 37 CYS A N    1 
ATOM   70  C  CA   . CYS A 1 6  ? -4.635  -0.760  1.680   1.00 0.31 ? 37 CYS A CA   1 
ATOM   71  C  C    . CYS A 1 6  ? -4.567  -0.713  0.154   1.00 0.25 ? 37 CYS A C    1 
ATOM   72  O  O    . CYS A 1 6  ? -5.019  0.222   -0.479  1.00 0.26 ? 37 CYS A O    1 
ATOM   73  C  CB   . CYS A 1 6  ? -3.860  0.408   2.298   1.00 0.36 ? 37 CYS A CB   1 
ATOM   74  S  SG   . CYS A 1 6  ? -2.100  0.038   2.578   1.00 0.40 ? 37 CYS A SG   1 
ATOM   75  H  H    . CYS A 1 6  ? -3.048  -2.160  2.152   1.00 0.35 ? 37 CYS A H    1 
ATOM   76  H  HA   . CYS A 1 6  ? -5.656  -0.692  1.988   1.00 0.33 ? 37 CYS A HA   1 
ATOM   77  H  HB2  . CYS A 1 6  ? -3.936  1.246   1.638   1.00 0.35 ? 37 CYS A HB2  1 
ATOM   78  H  HB3  . CYS A 1 6  ? -4.323  0.652   3.240   1.00 0.41 ? 37 CYS A HB3  1 
ATOM   79  H  HG   . CYS A 1 6  ? -1.588  0.539   1.938   1.00 0.89 ? 37 CYS A HG   1 
ATOM   80  N  N    . CYS A 1 7  ? -3.988  -1.716  -0.429  1.00 0.24 ? 38 CYS A N    1 
ATOM   81  C  CA   . CYS A 1 7  ? -3.845  -1.780  -1.895  1.00 0.22 ? 38 CYS A CA   1 
ATOM   82  C  C    . CYS A 1 7  ? -4.060  -3.197  -2.416  1.00 0.23 ? 38 CYS A C    1 
ATOM   83  O  O    . CYS A 1 7  ? -3.864  -4.162  -1.703  1.00 0.27 ? 38 CYS A O    1 
ATOM   84  C  CB   . CYS A 1 7  ? -2.409  -1.392  -2.097  1.00 0.24 ? 38 CYS A CB   1 
ATOM   85  S  SG   . CYS A 1 7  ? -2.153  0.262   -1.444  1.00 0.32 ? 38 CYS A SG   1 
ATOM   86  H  H    . CYS A 1 7  ? -3.622  -2.419  0.101   1.00 0.27 ? 38 CYS A H    1 
ATOM   87  H  HA   . CYS A 1 7  ? -4.486  -1.086  -2.385  1.00 0.29 ? 38 CYS A HA   1 
ATOM   88  H  HB2  . CYS A 1 7  ? -1.780  -2.091  -1.567  1.00 0.26 ? 38 CYS A HB2  1 
ATOM   89  H  HB3  . CYS A 1 7  ? -2.176  -1.412  -3.144  1.00 0.27 ? 38 CYS A HB3  1 
ATOM   90  H  HG   . CYS A 1 7  ? -1.213  0.375   -1.280  1.00 0.90 ? 38 CYS A HG   1 
ATOM   91  N  N    . PRO A 1 8  ? -4.423  -3.268  -3.663  1.00 0.27 ? 39 PRO A N    1 
ATOM   92  C  CA   . PRO A 1 8  ? -4.632  -4.558  -4.327  1.00 0.35 ? 39 PRO A CA   1 
ATOM   93  C  C    . PRO A 1 8  ? -3.320  -4.975  -4.995  1.00 0.31 ? 39 PRO A C    1 
ATOM   94  O  O    . PRO A 1 8  ? -2.300  -4.341  -4.812  1.00 0.27 ? 39 PRO A O    1 
ATOM   95  C  CB   . PRO A 1 8  ? -5.699  -4.238  -5.369  1.00 0.42 ? 39 PRO A CB   1 
ATOM   96  C  CG   . PRO A 1 8  ? -5.568  -2.763  -5.646  1.00 0.40 ? 39 PRO A CG   1 
ATOM   97  C  CD   . PRO A 1 8  ? -4.683  -2.158  -4.577  1.00 0.31 ? 39 PRO A CD   1 
ATOM   98  H  HA   . PRO A 1 8  ? -4.982  -5.308  -3.636  1.00 0.43 ? 39 PRO A HA   1 
ATOM   99  H  HB2  . PRO A 1 8  ? -5.521  -4.808  -6.272  1.00 0.44 ? 39 PRO A HB2  1 
ATOM   100 H  HB3  . PRO A 1 8  ? -6.682  -4.451  -4.978  1.00 0.52 ? 39 PRO A HB3  1 
ATOM   101 H  HG2  . PRO A 1 8  ? -5.122  -2.613  -6.620  1.00 0.40 ? 39 PRO A HG2  1 
ATOM   102 H  HG3  . PRO A 1 8  ? -6.541  -2.297  -5.615  1.00 0.50 ? 39 PRO A HG3  1 
ATOM   103 H  HD2  . PRO A 1 8  ? -3.763  -1.800  -5.012  1.00 0.30 ? 39 PRO A HD2  1 
ATOM   104 H  HD3  . PRO A 1 8  ? -5.195  -1.361  -4.065  1.00 0.32 ? 39 PRO A HD3  1 
ATOM   105 N  N    . ALA A 1 9  ? -3.330  -6.012  -5.773  1.00 0.42 ? 40 ALA A N    1 
ATOM   106 C  CA   . ALA A 1 9  ? -2.071  -6.428  -6.450  1.00 0.46 ? 40 ALA A CA   1 
ATOM   107 C  C    . ALA A 1 9  ? -1.870  -5.607  -7.723  1.00 0.39 ? 40 ALA A C    1 
ATOM   108 O  O    . ALA A 1 9  ? -0.943  -5.825  -8.478  1.00 0.45 ? 40 ALA A O    1 
ATOM   109 C  CB   . ALA A 1 9  ? -2.280  -7.893  -6.796  1.00 0.61 ? 40 ALA A CB   1 
ATOM   110 H  H    . ALA A 1 9  ? -4.160  -6.510  -5.922  1.00 0.50 ? 40 ALA A H    1 
ATOM   111 H  HA   . ALA A 1 9  ? -1.226  -6.318  -5.788  1.00 0.50 ? 40 ALA A HA   1 
ATOM   112 H  HB1  . ALA A 1 9  ? -3.096  -8.285  -6.207  1.00 1.24 ? 40 ALA A HB1  1 
ATOM   113 H  HB2  . ALA A 1 9  ? -1.377  -8.443  -6.579  1.00 1.30 ? 40 ALA A HB2  1 
ATOM   114 H  HB3  . ALA A 1 9  ? -2.516  -7.981  -7.845  1.00 1.06 ? 40 ALA A HB3  1 
ATOM   115 N  N    . GLY A 1 10 ? -2.742  -4.672  -7.972  1.00 0.33 ? 41 GLY A N    1 
ATOM   116 C  CA   . GLY A 1 10 ? -2.616  -3.845  -9.203  1.00 0.36 ? 41 GLY A CA   1 
ATOM   117 C  C    . GLY A 1 10 ? -2.153  -2.424  -8.859  1.00 0.33 ? 41 GLY A C    1 
ATOM   118 O  O    . GLY A 1 10 ? -1.844  -1.645  -9.738  1.00 0.37 ? 41 GLY A O    1 
ATOM   119 H  H    . GLY A 1 10 ? -3.487  -4.525  -7.355  1.00 0.32 ? 41 GLY A H    1 
ATOM   120 H  HA2  . GLY A 1 10 ? -1.898  -4.303  -9.867  1.00 0.42 ? 41 GLY A HA2  1 
ATOM   121 H  HA3  . GLY A 1 10 ? -3.576  -3.793  -9.697  1.00 0.42 ? 41 GLY A HA3  1 
ATOM   122 N  N    . CYS A 1 11 ? -2.096  -2.065  -7.601  1.00 0.28 ? 42 CYS A N    1 
ATOM   123 C  CA   . CYS A 1 11 ? -1.655  -0.701  -7.256  1.00 0.29 ? 42 CYS A CA   1 
ATOM   124 C  C    . CYS A 1 11 ? -0.369  -0.359  -7.986  1.00 0.28 ? 42 CYS A C    1 
ATOM   125 O  O    . CYS A 1 11 ? 0.692   -0.843  -7.647  1.00 0.27 ? 42 CYS A O    1 
ATOM   126 C  CB   . CYS A 1 11 ? -1.388  -0.742  -5.764  1.00 0.27 ? 42 CYS A CB   1 
ATOM   127 S  SG   . CYS A 1 11 ? -1.653  0.899   -5.083  1.00 0.33 ? 42 CYS A SG   1 
ATOM   128 H  H    . CYS A 1 11 ? -2.343  -2.679  -6.887  1.00 0.27 ? 42 CYS A H    1 
ATOM   129 H  HA   . CYS A 1 11 ? -2.427  0.016   -7.474  1.00 0.33 ? 42 CYS A HA   1 
ATOM   130 H  HB2  . CYS A 1 11 ? -2.050  -1.443  -5.293  1.00 0.27 ? 42 CYS A HB2  1 
ATOM   131 H  HB3  . CYS A 1 11 ? -0.370  -1.039  -5.593  1.00 0.24 ? 42 CYS A HB3  1 
ATOM   132 H  HG   . CYS A 1 11 ? -1.609  0.834   -4.127  1.00 0.91 ? 42 CYS A HG   1 
ATOM   133 N  N    . GLU A 1 12 ? -0.434  0.488   -8.963  1.00 0.36 ? 43 GLU A N    1 
ATOM   134 C  CA   . GLU A 1 12 ? 0.812   0.857   -9.665  1.00 0.38 ? 43 GLU A CA   1 
ATOM   135 C  C    . GLU A 1 12 ? 1.605   1.808   -8.787  1.00 0.35 ? 43 GLU A C    1 
ATOM   136 O  O    . GLU A 1 12 ? 2.748   2.130   -9.046  1.00 0.37 ? 43 GLU A O    1 
ATOM   137 C  CB   . GLU A 1 12 ? 0.367   1.534   -10.948 1.00 0.46 ? 43 GLU A CB   1 
ATOM   138 C  CG   . GLU A 1 12 ? 0.362   0.519   -12.092 1.00 0.51 ? 43 GLU A CG   1 
ATOM   139 C  CD   . GLU A 1 12 ? 0.981   1.152   -13.338 1.00 0.86 ? 43 GLU A CD   1 
ATOM   140 O  OE1  . GLU A 1 12 ? 0.846   2.354   -13.496 1.00 1.47 ? 43 GLU A OE1  1 
ATOM   141 O  OE2  . GLU A 1 12 ? 1.579   0.424   -14.113 1.00 1.54 ? 43 GLU A OE2  1 
ATOM   142 H  H    . GLU A 1 12 ? -1.289  0.892   -9.218  1.00 0.43 ? 43 GLU A H    1 
ATOM   143 H  HA   . GLU A 1 12 ? 1.388   -0.024  -9.859  1.00 0.37 ? 43 GLU A HA   1 
ATOM   144 H  HB2  . GLU A 1 12 ? -0.629  1.931   -10.808 1.00 0.48 ? 43 GLU A HB2  1 
ATOM   145 H  HB3  . GLU A 1 12 ? 1.046   2.339   -11.180 1.00 0.48 ? 43 GLU A HB3  1 
ATOM   146 H  HG2  . GLU A 1 12 ? 0.937   -0.350  -11.802 1.00 0.58 ? 43 GLU A HG2  1 
ATOM   147 H  HG3  . GLU A 1 12 ? -0.654  0.223   -12.306 1.00 0.78 ? 43 GLU A HG3  1 
ATOM   148 N  N    . LYS A 1 13 ? 1.012   2.205   -7.716  1.00 0.32 ? 44 LYS A N    1 
ATOM   149 C  CA   . LYS A 1 13 ? 1.707   3.073   -6.752  1.00 0.32 ? 44 LYS A CA   1 
ATOM   150 C  C    . LYS A 1 13 ? 2.699   2.211   -6.028  1.00 0.27 ? 44 LYS A C    1 
ATOM   151 O  O    . LYS A 1 13 ? 3.706   2.645   -5.521  1.00 0.29 ? 44 LYS A O    1 
ATOM   152 C  CB   . LYS A 1 13 ? 0.620   3.464   -5.775  1.00 0.35 ? 44 LYS A CB   1 
ATOM   153 C  CG   . LYS A 1 13 ? -0.356  4.417   -6.441  1.00 0.42 ? 44 LYS A CG   1 
ATOM   154 C  CD   . LYS A 1 13 ? 0.422   5.576   -7.036  1.00 0.60 ? 44 LYS A CD   1 
ATOM   155 C  CE   . LYS A 1 13 ? 1.234   6.276   -5.942  1.00 0.97 ? 44 LYS A CE   1 
ATOM   156 N  NZ   . LYS A 1 13 ? 2.149   7.194   -6.675  1.00 1.21 ? 44 LYS A NZ   1 
ATOM   157 H  H    . LYS A 1 13 ? 0.112   1.885   -7.514  1.00 0.31 ? 44 LYS A H    1 
ATOM   158 H  HA   . LYS A 1 13 ? 2.164   3.923   -7.212  1.00 0.36 ? 44 LYS A HA   1 
ATOM   159 H  HB2  . LYS A 1 13 ? 0.101   2.569   -5.468  1.00 0.54 ? 44 LYS A HB2  1 
ATOM   160 H  HB3  . LYS A 1 13 ? 1.065   3.932   -4.918  1.00 0.42 ? 44 LYS A HB3  1 
ATOM   161 H  HG2  . LYS A 1 13 ? -0.891  3.899   -7.222  1.00 0.63 ? 44 LYS A HG2  1 
ATOM   162 H  HG3  . LYS A 1 13 ? -1.055  4.789   -5.719  1.00 0.41 ? 44 LYS A HG3  1 
ATOM   163 H  HD2  . LYS A 1 13 ? 1.090   5.199   -7.793  1.00 1.27 ? 44 LYS A HD2  1 
ATOM   164 H  HD3  . LYS A 1 13 ? -0.265  6.272   -7.471  1.00 1.45 ? 44 LYS A HD3  1 
ATOM   165 H  HE2  . LYS A 1 13 ? 0.580   6.835   -5.288  1.00 1.70 ? 44 LYS A HE2  1 
ATOM   166 H  HE3  . LYS A 1 13 ? 1.809   5.558   -5.379  1.00 1.66 ? 44 LYS A HE3  1 
ATOM   167 H  HZ1  . LYS A 1 13 ? 1.655   7.589   -7.500  1.00 1.51 ? 44 LYS A HZ1  1 
ATOM   168 H  HZ2  . LYS A 1 13 ? 2.989   6.668   -6.991  1.00 1.44 ? 44 LYS A HZ2  1 
ATOM   169 H  HZ3  . LYS A 1 13 ? 2.440   7.969   -6.046  1.00 1.78 ? 44 LYS A HZ3  1 
ATOM   170 N  N    . CYS A 1 14 ? 2.375   0.972   -5.989  1.00 0.23 ? 45 CYS A N    1 
ATOM   171 C  CA   . CYS A 1 14 ? 3.231   -0.013  -5.293  1.00 0.22 ? 45 CYS A CA   1 
ATOM   172 C  C    . CYS A 1 14 ? 3.978   -0.838  -6.314  1.00 0.23 ? 45 CYS A C    1 
ATOM   173 O  O    . CYS A 1 14 ? 4.810   -1.667  -6.001  1.00 0.27 ? 45 CYS A O    1 
ATOM   174 C  CB   . CYS A 1 14 ? 2.226   -0.868  -4.556  1.00 0.22 ? 45 CYS A CB   1 
ATOM   175 S  SG   . CYS A 1 14 ? 1.851   -0.114  -2.953  1.00 0.29 ? 45 CYS A SG   1 
ATOM   176 H  H    . CYS A 1 14 ? 1.537   0.679   -6.438  1.00 0.24 ? 45 CYS A H    1 
ATOM   177 H  HA   . CYS A 1 14 ? 3.903   0.470   -4.608  1.00 0.25 ? 45 CYS A HA   1 
ATOM   178 H  HB2  . CYS A 1 14 ? 1.327   -0.932  -5.149  1.00 0.21 ? 45 CYS A HB2  1 
ATOM   179 H  HB3  . CYS A 1 14 ? 2.631   -1.855  -4.415  1.00 0.23 ? 45 CYS A HB3  1 
ATOM   180 H  HG   . CYS A 1 14 ? 2.475   0.601   -2.809  1.00 0.73 ? 45 CYS A HG   1 
ATOM   181 N  N    . ALA A 1 15 ? 3.659   -0.611  -7.538  1.00 0.25 ? 46 ALA A N    1 
ATOM   182 C  CA   . ALA A 1 15 ? 4.288   -1.345  -8.639  1.00 0.30 ? 46 ALA A CA   1 
ATOM   183 C  C    . ALA A 1 15 ? 5.780   -1.023  -8.734  1.00 0.29 ? 46 ALA A C    1 
ATOM   184 O  O    . ALA A 1 15 ? 6.506   -1.622  -9.503  1.00 0.34 ? 46 ALA A O    1 
ATOM   185 C  CB   . ALA A 1 15 ? 3.522   -0.816  -9.828  1.00 0.36 ? 46 ALA A CB   1 
ATOM   186 H  H    . ALA A 1 15 ? 2.976   0.057   -7.744  1.00 0.27 ? 46 ALA A H    1 
ATOM   187 H  HA   . ALA A 1 15 ? 4.125   -2.397  -8.531  1.00 0.34 ? 46 ALA A HA   1 
ATOM   188 H  HB1  . ALA A 1 15 ? 3.232   0.207   -9.626  1.00 1.04 ? 46 ALA A HB1  1 
ATOM   189 H  HB2  . ALA A 1 15 ? 2.633   -1.414  -9.970  1.00 1.08 ? 46 ALA A HB2  1 
ATOM   190 H  HB3  . ALA A 1 15 ? 4.137   -0.851  -10.703 1.00 1.08 ? 46 ALA A HB3  1 
ATOM   191 N  N    . LYS A 1 16 ? 6.244   -0.090  -7.954  1.00 0.28 ? 47 LYS A N    1 
ATOM   192 C  CA   . LYS A 1 16 ? 7.678   0.264   -7.988  1.00 0.34 ? 47 LYS A CA   1 
ATOM   193 C  C    . LYS A 1 16 ? 8.401   -0.424  -6.845  1.00 0.37 ? 47 LYS A C    1 
ATOM   194 O  O    . LYS A 1 16 ? 9.472   -0.977  -6.998  1.00 0.43 ? 47 LYS A O    1 
ATOM   195 C  CB   . LYS A 1 16 ? 7.718   1.781   -7.813  1.00 0.41 ? 47 LYS A CB   1 
ATOM   196 C  CG   . LYS A 1 16 ? 8.804   2.373   -8.713  1.00 0.73 ? 47 LYS A CG   1 
ATOM   197 C  CD   . LYS A 1 16 ? 10.178  2.097   -8.102  1.00 1.54 ? 47 LYS A CD   1 
ATOM   198 C  CE   . LYS A 1 16 ? 11.270  2.520   -9.085  1.00 2.16 ? 47 LYS A CE   1 
ATOM   199 N  NZ   . LYS A 1 16 ? 11.277  1.461   -10.131 1.00 2.74 ? 47 LYS A NZ   1 
ATOM   200 H  H    . LYS A 1 16 ? 5.653   0.372   -7.344  1.00 0.27 ? 47 LYS A H    1 
ATOM   201 H  HA   . LYS A 1 16 ? 8.095   -0.013  -8.915  1.00 0.37 ? 47 LYS A HA   1 
ATOM   202 H  HB2  . LYS A 1 16 ? 6.758   2.198   -8.078  1.00 0.42 ? 47 LYS A HB2  1 
ATOM   203 H  HB3  . LYS A 1 16 ? 7.941   2.015   -6.782  1.00 0.57 ? 47 LYS A HB3  1 
ATOM   204 H  HG2  . LYS A 1 16 ? 8.746   1.918   -9.692  1.00 1.09 ? 47 LYS A HG2  1 
ATOM   205 H  HG3  . LYS A 1 16 ? 8.657   3.439   -8.801  1.00 1.30 ? 47 LYS A HG3  1 
ATOM   206 H  HD2  . LYS A 1 16 ? 10.282  2.657   -7.183  1.00 2.03 ? 47 LYS A HD2  1 
ATOM   207 H  HD3  . LYS A 1 16 ? 10.274  1.042   -7.893  1.00 1.98 ? 47 LYS A HD3  1 
ATOM   208 H  HE2  . LYS A 1 16 ? 11.033  3.482   -9.519  1.00 2.51 ? 47 LYS A HE2  1 
ATOM   209 H  HE3  . LYS A 1 16 ? 12.229  2.557   -8.590  1.00 2.51 ? 47 LYS A HE3  1 
ATOM   210 H  HZ1  . LYS A 1 16 ? 11.528  0.549   -9.699  1.00 3.08 ? 47 LYS A HZ1  1 
ATOM   211 H  HZ2  . LYS A 1 16 ? 11.974  1.703   -10.864 1.00 2.76 ? 47 LYS A HZ2  1 
ATOM   212 H  HZ3  . LYS A 1 16 ? 10.332  1.391   -10.559 1.00 3.39 ? 47 LYS A HZ3  1 
ATOM   213 N  N    . ASP A 1 17 ? 7.802   -0.391  -5.703  1.00 0.36 ? 48 ASP A N    1 
ATOM   214 C  CA   . ASP A 1 17 ? 8.401   -1.032  -4.512  1.00 0.44 ? 48 ASP A CA   1 
ATOM   215 C  C    . ASP A 1 17 ? 7.496   -0.802  -3.311  1.00 0.43 ? 48 ASP A C    1 
ATOM   216 O  O    . ASP A 1 17 ? 7.944   -0.516  -2.218  1.00 0.51 ? 48 ASP A O    1 
ATOM   217 C  CB   . ASP A 1 17 ? 9.749   -0.342  -4.322  1.00 0.53 ? 48 ASP A CB   1 
ATOM   218 C  CG   . ASP A 1 17 ? 10.402  -0.840  -3.031  1.00 0.65 ? 48 ASP A CG   1 
ATOM   219 O  OD1  . ASP A 1 17 ? 9.907   -1.806  -2.474  1.00 1.27 ? 48 ASP A OD1  1 
ATOM   220 O  OD2  . ASP A 1 17 ? 11.385  -0.245  -2.619  1.00 1.29 ? 48 ASP A OD2  1 
ATOM   221 H  H    . ASP A 1 17 ? 6.942   0.058   -5.633  1.00 0.33 ? 48 ASP A H    1 
ATOM   222 H  HA   . ASP A 1 17 ? 8.533   -2.081  -4.685  1.00 0.47 ? 48 ASP A HA   1 
ATOM   223 H  HB2  . ASP A 1 17 ? 10.389  -0.568  -5.162  1.00 0.56 ? 48 ASP A HB2  1 
ATOM   224 H  HB3  . ASP A 1 17 ? 9.598   0.725   -4.260  1.00 0.64 ? 48 ASP A HB3  1 
ATOM   225 N  N    . CYS A 1 18 ? 6.219   -0.919  -3.516  1.00 0.36 ? 49 CYS A N    1 
ATOM   226 C  CA   . CYS A 1 18 ? 5.264   -0.698  -2.391  1.00 0.36 ? 49 CYS A CA   1 
ATOM   227 C  C    . CYS A 1 18 ? 5.516   0.681   -1.780  1.00 0.39 ? 49 CYS A C    1 
ATOM   228 O  O    . CYS A 1 18 ? 6.291   0.835   -0.856  1.00 0.45 ? 49 CYS A O    1 
ATOM   229 C  CB   . CYS A 1 18 ? 5.575   -1.811  -1.392  1.00 0.42 ? 49 CYS A CB   1 
ATOM   230 S  SG   . CYS A 1 18 ? 4.195   -2.002  -0.237  1.00 0.47 ? 49 CYS A SG   1 
ATOM   231 H  H    . CYS A 1 18 ? 5.891   -1.143  -4.416  1.00 0.33 ? 49 CYS A H    1 
ATOM   232 H  HA   . CYS A 1 18 ? 4.247   -0.777  -2.733  1.00 0.32 ? 49 CYS A HA   1 
ATOM   233 H  HB2  . CYS A 1 18 ? 5.727   -2.739  -1.925  1.00 0.42 ? 49 CYS A HB2  1 
ATOM   234 H  HB3  . CYS A 1 18 ? 6.471   -1.561  -0.845  1.00 0.48 ? 49 CYS A HB3  1 
ATOM   235 H  HG   . CYS A 1 18 ? 3.962   -1.131  0.094   1.00 1.02 ? 49 CYS A HG   1 
ATOM   236 N  N    . VAL A 1 19 ? 4.878   1.685   -2.311  1.00 0.42 ? 50 VAL A N    1 
ATOM   237 C  CA   . VAL A 1 19 ? 5.079   3.064   -1.798  1.00 0.47 ? 50 VAL A CA   1 
ATOM   238 C  C    . VAL A 1 19 ? 4.733   3.155   -0.311  1.00 0.48 ? 50 VAL A C    1 
ATOM   239 O  O    . VAL A 1 19 ? 5.197   4.038   0.384   1.00 0.48 ? 50 VAL A O    1 
ATOM   240 C  CB   . VAL A 1 19 ? 4.150   3.954   -2.631  1.00 0.51 ? 50 VAL A CB   1 
ATOM   241 C  CG1  . VAL A 1 19 ? 4.808   4.273   -3.973  1.00 0.53 ? 50 VAL A CG1  1 
ATOM   242 C  CG2  . VAL A 1 19 ? 2.801   3.268   -2.886  1.00 0.45 ? 50 VAL A CG2  1 
ATOM   243 H  H    . VAL A 1 19 ? 4.279   1.533   -3.059  1.00 0.45 ? 50 VAL A H    1 
ATOM   244 H  HA   . VAL A 1 19 ? 6.102   3.367   -1.956  1.00 0.51 ? 50 VAL A HA   1 
ATOM   245 H  HB   . VAL A 1 19 ? 3.984   4.867   -2.100  1.00 0.58 ? 50 VAL A HB   1 
ATOM   246 H  HG11 . VAL A 1 19 ? 5.337   3.401   -4.330  1.00 1.26 ? 50 VAL A HG11 1 
ATOM   247 H  HG12 . VAL A 1 19 ? 5.500   5.091   -3.851  1.00 1.07 ? 50 VAL A HG12 1 
ATOM   248 H  HG13 . VAL A 1 19 ? 4.046   4.548   -4.689  1.00 1.03 ? 50 VAL A HG13 1 
ATOM   249 H  HG21 . VAL A 1 19 ? 2.108   4.000   -3.267  1.00 1.02 ? 50 VAL A HG21 1 
ATOM   250 H  HG22 . VAL A 1 19 ? 2.420   2.856   -1.963  1.00 0.96 ? 50 VAL A HG22 1 
ATOM   251 H  HG23 . VAL A 1 19 ? 2.917   2.479   -3.611  1.00 1.01 ? 50 VAL A HG23 1 
ATOM   252 N  N    . CYS A 1 20 ? 3.939   2.254   0.194   1.00 0.49 ? 51 CYS A N    1 
ATOM   253 C  CA   . CYS A 1 20 ? 3.606   2.319   1.649   1.00 0.52 ? 51 CYS A CA   1 
ATOM   254 C  C    . CYS A 1 20 ? 4.435   1.296   2.430   1.00 0.70 ? 51 CYS A C    1 
ATOM   255 O  O    . CYS A 1 20 ? 4.161   1.014   3.579   1.00 1.07 ? 51 CYS A O    1 
ATOM   256 C  CB   . CYS A 1 20 ? 2.096   2.033   1.847   1.00 0.62 ? 51 CYS A CB   1 
ATOM   257 S  SG   . CYS A 1 20 ? 1.229   1.759   0.282   1.00 0.70 ? 51 CYS A SG   1 
ATOM   258 H  H    . CYS A 1 20 ? 3.585   1.545   -0.369  1.00 0.49 ? 51 CYS A H    1 
ATOM   259 H  HA   . CYS A 1 20 ? 3.828   3.303   2.004   1.00 0.65 ? 51 CYS A HA   1 
ATOM   260 H  HB2  . CYS A 1 20 ? 1.985   1.153   2.461   1.00 1.12 ? 51 CYS A HB2  1 
ATOM   261 H  HB3  . CYS A 1 20 ? 1.647   2.872   2.357   1.00 1.16 ? 51 CYS A HB3  1 
ATOM   262 H  HG   . CYS A 1 20 ? 0.622   2.490   0.147   1.00 1.27 ? 51 CYS A HG   1 
ATOM   263 N  N    . LYS A 1 21 ? 5.447   0.740   1.821   1.00 0.61 ? 52 LYS A N    1 
ATOM   264 C  CA   . LYS A 1 21 ? 6.289   -0.259  2.536   1.00 0.92 ? 52 LYS A CA   1 
ATOM   265 C  C    . LYS A 1 21 ? 6.568   0.197   3.963   1.00 0.94 ? 52 LYS A C    1 
ATOM   266 O  O    . LYS A 1 21 ? 6.687   -0.597  4.874   1.00 1.19 ? 52 LYS A O    1 
ATOM   267 C  CB   . LYS A 1 21 ? 7.584   -0.314  1.733   1.00 1.23 ? 52 LYS A CB   1 
ATOM   268 C  CG   . LYS A 1 21 ? 7.726   -1.699  1.115   1.00 1.55 ? 52 LYS A CG   1 
ATOM   269 C  CD   . LYS A 1 21 ? 8.494   -2.601  2.081   1.00 1.61 ? 52 LYS A CD   1 
ATOM   270 C  CE   . LYS A 1 21 ? 8.575   -4.018  1.509   1.00 2.01 ? 52 LYS A CE   1 
ATOM   271 N  NZ   . LYS A 1 21 ? 8.849   -4.891  2.684   1.00 2.20 ? 52 LYS A NZ   1 
ATOM   272 H  H    . LYS A 1 21 ? 5.656   0.977   0.893   1.00 0.47 ? 52 LYS A H    1 
ATOM   273 H  HA   . LYS A 1 21 ? 5.815   -1.215  2.537   1.00 1.06 ? 52 LYS A HA   1 
ATOM   274 H  HB2  . LYS A 1 21 ? 7.556   0.430   0.951   1.00 1.28 ? 52 LYS A HB2  1 
ATOM   275 H  HB3  . LYS A 1 21 ? 8.422   -0.125  2.386   1.00 1.30 ? 52 LYS A HB3  1 
ATOM   276 H  HG2  . LYS A 1 21 ? 6.743   -2.111  0.934   1.00 1.63 ? 52 LYS A HG2  1 
ATOM   277 H  HG3  . LYS A 1 21 ? 8.264   -1.623  0.184   1.00 1.77 ? 52 LYS A HG3  1 
ATOM   278 H  HD2  . LYS A 1 21 ? 9.491   -2.208  2.220   1.00 1.51 ? 52 LYS A HD2  1 
ATOM   279 H  HD3  . LYS A 1 21 ? 7.981   -2.627  3.031   1.00 1.71 ? 52 LYS A HD3  1 
ATOM   280 H  HE2  . LYS A 1 21 ? 7.638   -4.289  1.045   1.00 2.38 ? 52 LYS A HE2  1 
ATOM   281 H  HE3  . LYS A 1 21 ? 9.384   -4.091  0.798   1.00 2.33 ? 52 LYS A HE3  1 
ATOM   282 H  HZ1  . LYS A 1 21 ? 8.620   -5.876  2.446   1.00 2.43 ? 52 LYS A HZ1  1 
ATOM   283 H  HZ2  . LYS A 1 21 ? 8.263   -4.584  3.488   1.00 2.63 ? 52 LYS A HZ2  1 
ATOM   284 H  HZ3  . LYS A 1 21 ? 9.854   -4.823  2.942   1.00 2.45 ? 52 LYS A HZ3  1 
ATOM   285 N  N    . GLY A 1 22 ? 6.674   1.470   4.154   1.00 0.92 ? 53 GLY A N    1 
ATOM   286 C  CA   . GLY A 1 22 ? 6.950   2.004   5.517   1.00 1.17 ? 53 GLY A CA   1 
ATOM   287 C  C    . GLY A 1 22 ? 5.857   1.542   6.480   1.00 0.85 ? 53 GLY A C    1 
ATOM   288 O  O    . GLY A 1 22 ? 4.759   2.062   6.481   1.00 0.85 ? 53 GLY A O    1 
ATOM   289 H  H    . GLY A 1 22 ? 6.574   2.078   3.397   1.00 0.91 ? 53 GLY A H    1 
ATOM   290 H  HA2  . GLY A 1 22 ? 7.909   1.640   5.857   1.00 1.55 ? 53 GLY A HA2  1 
ATOM   291 H  HA3  . GLY A 1 22 ? 6.963   3.083   5.485   1.00 1.45 ? 53 GLY A HA3  1 
ATOM   292 N  N    . GLU A 1 23 ? 6.147   0.573   7.305   1.00 1.09 ? 54 GLU A N    1 
ATOM   293 C  CA   . GLU A 1 23 ? 5.119   0.089   8.269   1.00 1.28 ? 54 GLU A CA   1 
ATOM   294 C  C    . GLU A 1 23 ? 5.155   0.938   9.537   1.00 1.32 ? 54 GLU A C    1 
ATOM   295 O  O    . GLU A 1 23 ? 5.130   0.436   10.643  1.00 1.73 ? 54 GLU A O    1 
ATOM   296 C  CB   . GLU A 1 23 ? 5.501   -1.359  8.567   1.00 1.88 ? 54 GLU A CB   1 
ATOM   297 C  CG   . GLU A 1 23 ? 4.850   -2.271  7.529   1.00 2.07 ? 54 GLU A CG   1 
ATOM   298 C  CD   . GLU A 1 23 ? 4.049   -3.367  8.236   1.00 2.62 ? 54 GLU A CD   1 
ATOM   299 O  OE1  . GLU A 1 23 ? 3.286   -3.033  9.129   1.00 3.05 ? 54 GLU A OE1  1 
ATOM   300 O  OE2  . GLU A 1 23 ? 4.212   -4.519  7.873   1.00 3.17 ? 54 GLU A OE2  1 
ATOM   301 H  H    . GLU A 1 23 ? 7.039   0.167   7.293   1.00 1.38 ? 54 GLU A H    1 
ATOM   302 H  HA   . GLU A 1 23 ? 4.141   0.131   7.821   1.00 1.24 ? 54 GLU A HA   1 
ATOM   303 H  HB2  . GLU A 1 23 ? 6.575   -1.465  8.521   1.00 2.04 ? 54 GLU A HB2  1 
ATOM   304 H  HB3  . GLU A 1 23 ? 5.152   -1.629  9.552   1.00 2.14 ? 54 GLU A HB3  1 
ATOM   305 H  HG2  . GLU A 1 23 ? 4.188   -1.687  6.905   1.00 2.33 ? 54 GLU A HG2  1 
ATOM   306 H  HG3  . GLU A 1 23 ? 5.615   -2.723  6.918   1.00 2.14 ? 54 GLU A HG3  1 
ATOM   307 N  N    . GLU A 1 24 ? 5.210   2.225   9.372   1.00 1.10 ? 55 GLU A N    1 
ATOM   308 C  CA   . GLU A 1 24 ? 5.243   3.141   10.538  1.00 1.37 ? 55 GLU A CA   1 
ATOM   309 C  C    . GLU A 1 24 ? 3.823   3.614   10.862  1.00 1.48 ? 55 GLU A C    1 
ATOM   310 O  O    . GLU A 1 24 ? 3.052   2.911   11.483  1.00 1.73 ? 55 GLU A O    1 
ATOM   311 C  CB   . GLU A 1 24 ? 6.115   4.299   10.065  1.00 1.49 ? 55 GLU A CB   1 
ATOM   312 C  CG   . GLU A 1 24 ? 7.518   3.782   9.749   1.00 1.96 ? 55 GLU A CG   1 
ATOM   313 C  CD   . GLU A 1 24 ? 8.334   3.690   11.039  1.00 2.34 ? 55 GLU A CD   1 
ATOM   314 O  OE1  . GLU A 1 24 ? 7.744   3.813   12.100  1.00 2.85 ? 55 GLU A OE1  1 
ATOM   315 O  OE2  . GLU A 1 24 ? 9.535   3.501   10.945  1.00 2.62 ? 55 GLU A OE2  1 
ATOM   316 H  H    . GLU A 1 24 ? 5.225   2.597   8.468   1.00 0.93 ? 55 GLU A H    1 
ATOM   317 H  HA   . GLU A 1 24 ? 5.688   2.665   11.390  1.00 1.61 ? 55 GLU A HA   1 
ATOM   318 H  HB2  . GLU A 1 24 ? 5.683   4.725   9.170   1.00 1.43 ? 55 GLU A HB2  1 
ATOM   319 H  HB3  . GLU A 1 24 ? 6.172   5.048   10.834  1.00 1.80 ? 55 GLU A HB3  1 
ATOM   320 H  HG2  . GLU A 1 24 ? 7.445   2.803   9.297   1.00 2.15 ? 55 GLU A HG2  1 
ATOM   321 H  HG3  . GLU A 1 24 ? 8.002   4.460   9.063   1.00 2.18 ? 55 GLU A HG3  1 
ATOM   322 N  N    . GLY A 1 25 ? 3.468   4.789   10.428  1.00 1.59 ? 56 GLY A N    1 
ATOM   323 C  CA   . GLY A 1 25 ? 2.095   5.296   10.688  1.00 1.92 ? 56 GLY A CA   1 
ATOM   324 C  C    . GLY A 1 25 ? 1.209   4.961   9.488   1.00 1.84 ? 56 GLY A C    1 
ATOM   325 O  O    . GLY A 1 25 ? 0.015   5.186   9.500   1.00 2.18 ? 56 GLY A O    1 
ATOM   326 H  H    . GLY A 1 25 ? 4.099   5.332   9.918   1.00 1.65 ? 56 GLY A H    1 
ATOM   327 H  HA2  . GLY A 1 25 ? 1.697   4.825   11.576  1.00 2.04 ? 56 GLY A HA2  1 
ATOM   328 H  HA3  . GLY A 1 25 ? 2.122   6.366   10.825  1.00 2.22 ? 56 GLY A HA3  1 
ATOM   329 N  N    . ALA A 1 26 ? 1.792   4.427   8.446   1.00 1.44 ? 57 ALA A N    1 
ATOM   330 C  CA   . ALA A 1 26 ? 1.003   4.077   7.239   1.00 1.44 ? 57 ALA A CA   1 
ATOM   331 C  C    . ALA A 1 26 ? 0.442   2.668   7.355   1.00 0.99 ? 57 ALA A C    1 
ATOM   332 O  O    . ALA A 1 26 ? 0.416   1.904   6.409   1.00 1.36 ? 57 ALA A O    1 
ATOM   333 C  CB   . ALA A 1 26 ? 1.998   4.145   6.108   1.00 1.93 ? 57 ALA A CB   1 
ATOM   334 H  H    . ALA A 1 26 ? 2.750   4.261   8.455   1.00 1.20 ? 57 ALA A H    1 
ATOM   335 H  HA   . ALA A 1 26 ? 0.223   4.787   7.093   1.00 1.68 ? 57 ALA A HA   1 
ATOM   336 H  HB1  . ALA A 1 26 ? 1.760   3.385   5.383   1.00 2.33 ? 57 ALA A HB1  1 
ATOM   337 H  HB2  . ALA A 1 26 ? 2.989   3.976   6.503   1.00 2.10 ? 57 ALA A HB2  1 
ATOM   338 H  HB3  . ALA A 1 26 ? 1.949   5.118   5.651   1.00 2.22 ? 57 ALA A HB3  1 
ATOM   339 N  N    . LYS A 1 27 ? 0.001   2.335   8.513   1.00 0.75 ? 58 LYS A N    1 
ATOM   340 C  CA   . LYS A 1 27 ? -0.570  0.988   8.764   1.00 1.08 ? 58 LYS A CA   1 
ATOM   341 C  C    . LYS A 1 27 ? -1.407  0.517   7.569   1.00 0.96 ? 58 LYS A C    1 
ATOM   342 O  O    . LYS A 1 27 ? -2.233  1.243   7.051   1.00 1.04 ? 58 LYS A O    1 
ATOM   343 C  CB   . LYS A 1 27 ? -1.447  1.188   9.992   1.00 1.64 ? 58 LYS A CB   1 
ATOM   344 C  CG   . LYS A 1 27 ? -0.580  1.108   11.245  1.00 2.03 ? 58 LYS A CG   1 
ATOM   345 C  CD   . LYS A 1 27 ? 0.055   2.473   11.514  1.00 2.73 ? 58 LYS A CD   1 
ATOM   346 C  CE   . LYS A 1 27 ? 0.185   2.687   13.024  1.00 3.43 ? 58 LYS A CE   1 
ATOM   347 N  NZ   . LYS A 1 27 ? 1.567   2.246   13.357  1.00 4.07 ? 58 LYS A NZ   1 
ATOM   348 H  H    . LYS A 1 27 ? 0.050   2.982   9.232   1.00 0.95 ? 58 LYS A H    1 
ATOM   349 H  HA   . LYS A 1 27 ? 0.212   0.281   8.983   1.00 1.41 ? 58 LYS A HA   1 
ATOM   350 H  HB2  . LYS A 1 27 ? -1.918  2.161   9.939   1.00 1.68 ? 58 LYS A HB2  1 
ATOM   351 H  HB3  . LYS A 1 27 ? -2.202  0.420   10.026  1.00 1.97 ? 58 LYS A HB3  1 
ATOM   352 H  HG2  . LYS A 1 27 ? -1.189  0.823   12.087  1.00 1.71 ? 58 LYS A HG2  1 
ATOM   353 H  HG3  . LYS A 1 27 ? 0.200   0.378   11.095  1.00 2.37 ? 58 LYS A HG3  1 
ATOM   354 H  HD2  . LYS A 1 27 ? 1.033   2.509   11.058  1.00 3.05 ? 58 LYS A HD2  1 
ATOM   355 H  HD3  . LYS A 1 27 ? -0.568  3.248   11.093  1.00 2.83 ? 58 LYS A HD3  1 
ATOM   356 H  HE2  . LYS A 1 27 ? 0.051   3.732   13.267  1.00 3.73 ? 58 LYS A HE2  1 
ATOM   357 H  HE3  . LYS A 1 27 ? -0.535  2.081   13.553  1.00 3.67 ? 58 LYS A HE3  1 
ATOM   358 H  HZ1  . LYS A 1 27 ? 1.595   1.209   13.416  1.00 4.26 ? 58 LYS A HZ1  1 
ATOM   359 H  HZ2  . LYS A 1 27 ? 1.850   2.654   14.272  1.00 4.59 ? 58 LYS A HZ2  1 
ATOM   360 H  HZ3  . LYS A 1 27 ? 2.221   2.566   12.615  1.00 4.25 ? 58 LYS A HZ3  1 
ATOM   361 N  N    . ALA A 1 28 ? -1.201  -0.698  7.135   1.00 0.95 ? 59 ALA A N    1 
ATOM   362 C  CA   . ALA A 1 28 ? -1.987  -1.222  5.980   1.00 0.90 ? 59 ALA A CA   1 
ATOM   363 C  C    . ALA A 1 28 ? -3.313  -1.788  6.470   1.00 0.74 ? 59 ALA A C    1 
ATOM   364 O  O    . ALA A 1 28 ? -4.331  -1.688  5.814   1.00 0.69 ? 59 ALA A O    1 
ATOM   365 C  CB   . ALA A 1 28 ? -1.122  -2.328  5.381   1.00 1.11 ? 59 ALA A CB   1 
ATOM   366 H  H    . ALA A 1 28 ? -0.533  -1.267  7.571   1.00 1.07 ? 59 ALA A H    1 
ATOM   367 H  HA   . ALA A 1 28 ? -2.154  -0.450  5.260   1.00 0.94 ? 59 ALA A HA   1 
ATOM   368 H  HB1  . ALA A 1 28 ? -1.338  -3.262  5.879   1.00 1.57 ? 59 ALA A HB1  1 
ATOM   369 H  HB2  . ALA A 1 28 ? -0.079  -2.080  5.513   1.00 1.14 ? 59 ALA A HB2  1 
ATOM   370 H  HB3  . ALA A 1 28 ? -1.340  -2.424  4.329   1.00 1.43 ? 59 ALA A HB3  1 
ATOM   371 N  N    . GLU A 1 29 ? -3.298  -2.367  7.630   1.00 0.76 ? 60 GLU A N    1 
ATOM   372 C  CA   . GLU A 1 29 ? -4.540  -2.940  8.216   1.00 0.69 ? 60 GLU A CA   1 
ATOM   373 C  C    . GLU A 1 29 ? -5.696  -2.008  7.945   1.00 0.55 ? 60 GLU A C    1 
ATOM   374 O  O    . GLU A 1 29 ? -6.821  -2.410  7.730   1.00 0.53 ? 60 GLU A O    1 
ATOM   375 C  CB   . GLU A 1 29 ? -4.243  -2.998  9.695   1.00 0.83 ? 60 GLU A CB   1 
ATOM   376 C  CG   . GLU A 1 29 ? -3.965  -1.586  10.179  1.00 1.31 ? 60 GLU A CG   1 
ATOM   377 C  CD   . GLU A 1 29 ? -3.421  -1.626  11.608  1.00 1.61 ? 60 GLU A CD   1 
ATOM   378 O  OE1  . GLU A 1 29 ? -2.237  -1.879  11.763  1.00 2.07 ? 60 GLU A OE1  1 
ATOM   379 O  OE2  . GLU A 1 29 ? -4.196  -1.406  12.523  1.00 2.00 ? 60 GLU A OE2  1 
ATOM   380 H  H    . GLU A 1 29 ? -2.462  -2.412  8.127   1.00 0.87 ? 60 GLU A H    1 
ATOM   381 H  HA   . GLU A 1 29 ? -4.735  -3.905  7.828   1.00 0.72 ? 60 GLU A HA   1 
ATOM   382 H  HB2  . GLU A 1 29 ? -5.091  -3.401  10.217  1.00 0.87 ? 60 GLU A HB2  1 
ATOM   383 H  HB3  . GLU A 1 29 ? -3.373  -3.608  9.862   1.00 1.15 ? 60 GLU A HB3  1 
ATOM   384 H  HG2  . GLU A 1 29 ? -3.239  -1.128  9.524   1.00 1.56 ? 60 GLU A HG2  1 
ATOM   385 H  HG3  . GLU A 1 29 ? -4.882  -1.020  10.157  1.00 1.50 ? 60 GLU A HG3  1 
ATOM   386 N  N    . ALA A 1 30 ? -5.391  -0.761  7.937   1.00 0.56 ? 61 ALA A N    1 
ATOM   387 C  CA   . ALA A 1 30 ? -6.413  0.283   7.655   1.00 0.55 ? 61 ALA A CA   1 
ATOM   388 C  C    . ALA A 1 30 ? -7.373  -0.187  6.561   1.00 0.46 ? 61 ALA A C    1 
ATOM   389 O  O    . ALA A 1 30 ? -8.489  0.277   6.475   1.00 0.59 ? 61 ALA A O    1 
ATOM   390 C  CB   . ALA A 1 30 ? -5.604  1.460   7.128   1.00 0.65 ? 61 ALA A CB   1 
ATOM   391 H  H    . ALA A 1 30 ? -4.461  -0.511  8.110   1.00 0.65 ? 61 ALA A H    1 
ATOM   392 H  HA   . ALA A 1 30 ? -6.942  0.561   8.548   1.00 0.65 ? 61 ALA A HA   1 
ATOM   393 H  HB1  . ALA A 1 30 ? -5.210  2.027   7.954   1.00 1.37 ? 61 ALA A HB1  1 
ATOM   394 H  HB2  . ALA A 1 30 ? -6.240  2.088   6.523   1.00 1.01 ? 61 ALA A HB2  1 
ATOM   395 H  HB3  . ALA A 1 30 ? -4.789  1.087   6.522   1.00 1.05 ? 61 ALA A HB3  1 
ATOM   396 N  N    . GLU A 1 31 ? -6.901  -1.080  5.715   1.00 0.36 ? 62 GLU A N    1 
ATOM   397 C  CA   . GLU A 1 31 ? -7.687  -1.623  4.568   1.00 0.36 ? 62 GLU A CA   1 
ATOM   398 C  C    . GLU A 1 31 ? -7.466  -0.755  3.347   1.00 0.34 ? 62 GLU A C    1 
ATOM   399 O  O    . GLU A 1 31 ? -7.660  -1.167  2.221   1.00 0.36 ? 62 GLU A O    1 
ATOM   400 C  CB   . GLU A 1 31 ? -9.140  -1.627  4.985   1.00 0.48 ? 62 GLU A CB   1 
ATOM   401 C  CG   . GLU A 1 31 ? -9.285  -2.291  6.357   1.00 0.71 ? 62 GLU A CG   1 
ATOM   402 C  CD   . GLU A 1 31 ? -10.581 -3.105  6.396   1.00 1.16 ? 62 GLU A CD   1 
ATOM   403 O  OE1  . GLU A 1 31 ? -10.797 -3.883  5.480   1.00 1.68 ? 62 GLU A OE1  1 
ATOM   404 O  OE2  . GLU A 1 31 ? -11.333 -2.938  7.341   1.00 1.89 ? 62 GLU A OE2  1 
ATOM   405 H  H    . GLU A 1 31 ? -5.997  -1.381  5.823   1.00 0.39 ? 62 GLU A H    1 
ATOM   406 H  HA   . GLU A 1 31 ? -7.363  -2.612  4.350   1.00 0.37 ? 62 GLU A HA   1 
ATOM   407 H  HB2  . GLU A 1 31 ? -9.491  -0.611  5.029   1.00 0.64 ? 62 GLU A HB2  1 
ATOM   408 H  HB3  . GLU A 1 31 ? -9.702  -2.176  4.261   1.00 0.66 ? 62 GLU A HB3  1 
ATOM   409 H  HG2  . GLU A 1 31 ? -8.444  -2.946  6.528   1.00 1.21 ? 62 GLU A HG2  1 
ATOM   410 H  HG3  . GLU A 1 31 ? -9.315  -1.533  7.124   1.00 1.02 ? 62 GLU A HG3  1 
ATOM   411 N  N    . LYS A 1 32 ? -7.049  0.440   3.576   1.00 0.36 ? 63 LYS A N    1 
ATOM   412 C  CA   . LYS A 1 32 ? -6.778  1.377   2.478   1.00 0.36 ? 63 LYS A CA   1 
ATOM   413 C  C    . LYS A 1 32 ? -5.821  2.458   2.972   1.00 0.40 ? 63 LYS A C    1 
ATOM   414 O  O    . LYS A 1 32 ? -5.734  2.732   4.151   1.00 0.43 ? 63 LYS A O    1 
ATOM   415 C  CB   . LYS A 1 32 ? -8.133  1.919   2.123   1.00 0.41 ? 63 LYS A CB   1 
ATOM   416 C  CG   . LYS A 1 32 ? -8.723  2.501   3.367   1.00 0.47 ? 63 LYS A CG   1 
ATOM   417 C  CD   . LYS A 1 32 ? -8.078  3.856   3.566   1.00 0.50 ? 63 LYS A CD   1 
ATOM   418 C  CE   . LYS A 1 32 ? -9.148  4.925   3.800   1.00 0.57 ? 63 LYS A CE   1 
ATOM   419 N  NZ   . LYS A 1 32 ? -8.747  5.601   5.065   1.00 1.16 ? 63 LYS A NZ   1 
ATOM   420 H  H    . LYS A 1 32 ? -6.915  0.733   4.488   1.00 0.40 ? 63 LYS A H    1 
ATOM   421 H  HA   . LYS A 1 32 ? -6.377  0.890   1.652   1.00 0.34 ? 63 LYS A HA   1 
ATOM   422 H  HB2  . LYS A 1 32 ? -8.031  2.682   1.368   1.00 0.43 ? 63 LYS A HB2  1 
ATOM   423 H  HB3  . LYS A 1 32 ? -8.760  1.119   1.765   1.00 0.41 ? 63 LYS A HB3  1 
ATOM   424 H  HG2  . LYS A 1 32 ? -9.783  2.590   3.253   1.00 0.51 ? 63 LYS A HG2  1 
ATOM   425 H  HG3  . LYS A 1 32 ? -8.486  1.861   4.206   1.00 0.46 ? 63 LYS A HG3  1 
ATOM   426 H  HD2  . LYS A 1 32 ? -7.413  3.800   4.410   1.00 0.51 ? 63 LYS A HD2  1 
ATOM   427 H  HD3  . LYS A 1 32 ? -7.504  4.094   2.674   1.00 0.49 ? 63 LYS A HD3  1 
ATOM   428 H  HE2  . LYS A 1 32 ? -9.158  5.630   2.980   1.00 1.03 ? 63 LYS A HE2  1 
ATOM   429 H  HE3  . LYS A 1 32 ? -10.117 4.467   3.916   1.00 1.21 ? 63 LYS A HE3  1 
ATOM   430 H  HZ1  . LYS A 1 32 ? -9.255  6.504   5.153   1.00 1.71 ? 63 LYS A HZ1  1 
ATOM   431 H  HZ2  . LYS A 1 32 ? -7.721  5.779   5.053   1.00 1.81 ? 63 LYS A HZ2  1 
ATOM   432 H  HZ3  . LYS A 1 32 ? -8.984  4.994   5.875   1.00 1.62 ? 63 LYS A HZ3  1 
ATOM   433 N  N    . CYS A 1 33 ? -5.096  3.060   2.091   1.00 0.40 ? 64 CYS A N    1 
ATOM   434 C  CA   . CYS A 1 33 ? -4.141  4.125   2.530   1.00 0.45 ? 64 CYS A CA   1 
ATOM   435 C  C    . CYS A 1 33 ? -4.484  5.476   1.902   1.00 0.49 ? 64 CYS A C    1 
ATOM   436 O  O    . CYS A 1 33 ? -5.559  5.676   1.374   1.00 0.54 ? 64 CYS A O    1 
ATOM   437 C  CB   . CYS A 1 33 ? -2.745  3.685   2.095   1.00 0.42 ? 64 CYS A CB   1 
ATOM   438 S  SG   . CYS A 1 33 ? -2.759  3.050   0.402   1.00 0.57 ? 64 CYS A SG   1 
ATOM   439 H  H    . CYS A 1 33 ? -5.176  2.806   1.155   1.00 0.38 ? 64 CYS A H    1 
ATOM   440 H  HA   . CYS A 1 33 ? -4.166  4.212   3.605   1.00 0.49 ? 64 CYS A HA   1 
ATOM   441 H  HB2  . CYS A 1 33 ? -2.079  4.534   2.141   1.00 0.48 ? 64 CYS A HB2  1 
ATOM   442 H  HB3  . CYS A 1 33 ? -2.390  2.920   2.762   1.00 0.43 ? 64 CYS A HB3  1 
ATOM   443 H  HG   . CYS A 1 33 ? -2.919  3.788   -0.190  1.00 0.95 ? 64 CYS A HG   1 
ATOM   444 N  N    . SER A 1 34 ? -3.575  6.411   1.978   1.00 0.51 ? 65 SER A N    1 
ATOM   445 C  CA   . SER A 1 34 ? -3.836  7.762   1.414   1.00 0.57 ? 65 SER A CA   1 
ATOM   446 C  C    . SER A 1 34 ? -2.647  8.242   0.576   1.00 0.58 ? 65 SER A C    1 
ATOM   447 O  O    . SER A 1 34 ? -2.487  9.421   0.335   1.00 0.64 ? 65 SER A O    1 
ATOM   448 C  CB   . SER A 1 34 ? -4.010  8.649   2.640   1.00 0.65 ? 65 SER A CB   1 
ATOM   449 O  OG   . SER A 1 34 ? -4.166  10.000  2.230   1.00 0.78 ? 65 SER A OG   1 
ATOM   450 H  H    . SER A 1 34 ? -2.723  6.227   2.425   1.00 0.52 ? 65 SER A H    1 
ATOM   451 H  HA   . SER A 1 34 ? -4.741  7.761   0.827   1.00 0.58 ? 65 SER A HA   1 
ATOM   452 H  HB2  . SER A 1 34 ? -4.883  8.337   3.189   1.00 0.69 ? 65 SER A HB2  1 
ATOM   453 H  HB3  . SER A 1 34 ? -3.137  8.551   3.275   1.00 0.69 ? 65 SER A HB3  1 
ATOM   454 H  HG   . SER A 1 34 ? -3.545  10.536  2.729   1.00 1.09 ? 65 SER A HG   1 
ATOM   455 N  N    . CYS A 1 35 ? -1.818  7.345   0.118   1.00 0.54 ? 66 CYS A N    1 
ATOM   456 C  CA   . CYS A 1 35 ? -0.651  7.783   -0.717  1.00 0.56 ? 66 CYS A CA   1 
ATOM   457 C  C    . CYS A 1 35 ? -0.888  7.416   -2.171  1.00 0.52 ? 66 CYS A C    1 
ATOM   458 O  O    . CYS A 1 35 ? -0.634  8.180   -3.081  1.00 0.59 ? 66 CYS A O    1 
ATOM   459 C  CB   . CYS A 1 35 ? 0.617   7.061   -0.209  1.00 0.54 ? 66 CYS A CB   1 
ATOM   460 S  SG   . CYS A 1 35 ? 0.243   5.669   0.897   1.00 1.11 ? 66 CYS A SG   1 
ATOM   461 H  H    . CYS A 1 35 ? -1.969  6.392   0.309   1.00 0.52 ? 66 CYS A H    1 
ATOM   462 H  HA   . CYS A 1 35 ? -0.522  8.843   -0.632  1.00 0.63 ? 66 CYS A HA   1 
ATOM   463 H  HB2  . CYS A 1 35 ? 1.162   6.683   -1.058  1.00 0.95 ? 66 CYS A HB2  1 
ATOM   464 H  HB3  . CYS A 1 35 ? 1.235   7.772   0.315   1.00 0.86 ? 66 CYS A HB3  1 
ATOM   465 H  HG   . CYS A 1 35 ? 1.058   5.412   1.334   1.00 1.04 ? 66 CYS A HG   1 
ATOM   466 N  N    . CYS A 1 36 ? -1.366  6.241   -2.378  1.00 0.48 ? 67 CYS A N    1 
ATOM   467 C  CA   . CYS A 1 36 ? -1.634  5.756   -3.749  1.00 0.51 ? 67 CYS A CA   1 
ATOM   468 C  C    . CYS A 1 36 ? -2.930  6.351   -4.276  1.00 0.64 ? 67 CYS A C    1 
ATOM   469 O  O    . CYS A 1 36 ? -3.040  6.741   -5.422  1.00 1.02 ? 67 CYS A O    1 
ATOM   470 C  CB   . CYS A 1 36 ? -1.769  4.253   -3.557  1.00 0.49 ? 67 CYS A CB   1 
ATOM   471 S  SG   . CYS A 1 36 ? -0.250  3.620   -2.809  1.00 0.43 ? 67 CYS A SG   1 
ATOM   472 H  H    . CYS A 1 36 ? -1.549  5.663   -1.616  1.00 0.48 ? 67 CYS A H    1 
ATOM   473 H  HA   . CYS A 1 36 ? -0.817  5.980   -4.405  1.00 0.50 ? 67 CYS A HA   1 
ATOM   474 H  HB2  . CYS A 1 36 ? -2.603  4.052   -2.899  1.00 0.50 ? 67 CYS A HB2  1 
ATOM   475 H  HB3  . CYS A 1 36 ? -1.934  3.773   -4.505  1.00 0.65 ? 67 CYS A HB3  1 
ATOM   476 H  HG   . CYS A 1 36 ? -0.482  2.865   -2.263  1.00 0.82 ? 67 CYS A HG   1 
ATOM   477 N  N    . GLN A 1 37 ? -3.904  6.408   -3.432  1.00 0.59 ? 68 GLN A N    1 
ATOM   478 C  CA   . GLN A 1 37 ? -5.228  6.965   -3.822  1.00 0.69 ? 68 GLN A CA   1 
ATOM   479 C  C    . GLN A 1 37 ? -5.054  8.157   -4.768  1.00 0.87 ? 68 GLN A C    1 
ATOM   480 O  O    . GLN A 1 37 ? -5.123  7.949   -5.968  1.00 1.05 ? 68 GLN A O    1 
ATOM   481 C  CB   . GLN A 1 37 ? -5.867  7.413   -2.508  1.00 0.65 ? 68 GLN A CB   1 
ATOM   482 C  CG   . GLN A 1 37 ? -6.074  6.196   -1.604  1.00 0.54 ? 68 GLN A CG   1 
ATOM   483 C  CD   . GLN A 1 37 ? -7.562  5.852   -1.545  1.00 0.84 ? 68 GLN A CD   1 
ATOM   484 O  OE1  . GLN A 1 37 ? -8.245  5.880   -2.550  1.00 1.38 ? 68 GLN A OE1  1 
ATOM   485 N  NE2  . GLN A 1 37 ? -8.097  5.528   -0.402  1.00 0.76 ? 68 GLN A NE2  1 
ATOM   486 O  OXT  . GLN A 1 37 ? -4.856  9.254   -4.276  1.00 1.73 ? 68 GLN A OXT  1 
ATOM   487 H  H    . GLN A 1 37 ? -3.760  6.074   -2.530  1.00 0.74 ? 68 GLN A H    1 
ATOM   488 H  HA   . GLN A 1 37 ? -5.830  6.200   -4.280  1.00 0.72 ? 68 GLN A HA   1 
ATOM   489 H  HB2  . GLN A 1 37 ? -5.217  8.122   -2.015  1.00 0.69 ? 68 GLN A HB2  1 
ATOM   490 H  HB3  . GLN A 1 37 ? -6.821  7.876   -2.709  1.00 0.71 ? 68 GLN A HB3  1 
ATOM   491 H  HG2  . GLN A 1 37 ? -5.526  5.355   -2.002  1.00 0.47 ? 68 GLN A HG2  1 
ATOM   492 H  HG3  . GLN A 1 37 ? -5.719  6.421   -0.610  1.00 0.70 ? 68 GLN A HG3  1 
ATOM   493 H  HE21 . GLN A 1 37 ? -7.546  5.505   0.408   1.00 0.79 ? 68 GLN A HE21 1 
ATOM   494 H  HE22 . GLN A 1 37 ? -9.050  5.306   -0.352  1.00 0.98 ? 68 GLN A HE22 1 
HETATM 495 CD CD   . CD  B 2 .  ? -0.408  3.563   -0.308  1.00 0.41 ? 69 CD  A CD   1 
HETATM 496 CD CD   . CD  C 2 .  ? 1.945   -2.061  -1.353  1.00 0.38 ? 70 CD  A CD   1 
HETATM 497 CD CD   . CD  D 2 .  ? -0.359  1.117   -2.951  1.00 0.32 ? 71 CD  A CD   1 
HETATM 498 CD CD   . CD  E 2 .  ? -0.639  0.104   0.535   1.00 0.39 ? 72 CD  A CD   1 
# 
